data_1NAO
# 
_entry.id   1NAO 
# 
_audit_conform.dict_name       mmcif_pdbx.dic 
_audit_conform.dict_version    5.392 
_audit_conform.dict_location   http://mmcif.pdb.org/dictionaries/ascii/mmcif_pdbx.dic 
# 
loop_
_database_2.database_id 
_database_2.database_code 
_database_2.pdbx_database_accession 
_database_2.pdbx_DOI 
PDB   1NAO         pdb_00001nao 10.2210/pdb1nao/pdb 
WWPDB D_1000175209 ?            ?                   
# 
loop_
_pdbx_audit_revision_history.ordinal 
_pdbx_audit_revision_history.data_content_type 
_pdbx_audit_revision_history.major_revision 
_pdbx_audit_revision_history.minor_revision 
_pdbx_audit_revision_history.revision_date 
1 'Structure model' 1 0 1997-01-27 
2 'Structure model' 1 1 2008-03-10 
3 'Structure model' 1 2 2011-07-13 
4 'Structure model' 1 3 2022-02-23 
5 'Structure model' 1 4 2024-05-22 
# 
_pdbx_audit_revision_details.ordinal             1 
_pdbx_audit_revision_details.revision_ordinal    1 
_pdbx_audit_revision_details.data_content_type   'Structure model' 
_pdbx_audit_revision_details.provider            repository 
_pdbx_audit_revision_details.type                'Initial release' 
_pdbx_audit_revision_details.description         ? 
_pdbx_audit_revision_details.details             ? 
# 
loop_
_pdbx_audit_revision_group.ordinal 
_pdbx_audit_revision_group.revision_ordinal 
_pdbx_audit_revision_group.data_content_type 
_pdbx_audit_revision_group.group 
1 2 'Structure model' 'Version format compliance' 
2 3 'Structure model' 'Version format compliance' 
3 4 'Structure model' 'Database references'       
4 4 'Structure model' 'Derived calculations'      
5 4 'Structure model' Other                       
6 5 'Structure model' 'Data collection'           
# 
loop_
_pdbx_audit_revision_category.ordinal 
_pdbx_audit_revision_category.revision_ordinal 
_pdbx_audit_revision_category.data_content_type 
_pdbx_audit_revision_category.category 
1 4 'Structure model' database_2            
2 4 'Structure model' pdbx_database_status  
3 4 'Structure model' pdbx_struct_assembly  
4 4 'Structure model' pdbx_struct_oper_list 
5 4 'Structure model' struct_conn           
6 5 'Structure model' chem_comp_atom        
7 5 'Structure model' chem_comp_bond        
# 
loop_
_pdbx_audit_revision_item.ordinal 
_pdbx_audit_revision_item.revision_ordinal 
_pdbx_audit_revision_item.data_content_type 
_pdbx_audit_revision_item.item 
1  4 'Structure model' '_database_2.pdbx_DOI'                
2  4 'Structure model' '_database_2.pdbx_database_accession' 
3  4 'Structure model' '_pdbx_database_status.process_site'  
4  4 'Structure model' '_struct_conn.pdbx_dist_value'        
5  4 'Structure model' '_struct_conn.pdbx_leaving_atom_flag' 
6  4 'Structure model' '_struct_conn.ptnr1_auth_comp_id'     
7  4 'Structure model' '_struct_conn.ptnr1_auth_seq_id'      
8  4 'Structure model' '_struct_conn.ptnr1_label_atom_id'    
9  4 'Structure model' '_struct_conn.ptnr1_label_comp_id'    
10 4 'Structure model' '_struct_conn.ptnr1_label_seq_id'     
11 4 'Structure model' '_struct_conn.ptnr2_auth_comp_id'     
12 4 'Structure model' '_struct_conn.ptnr2_auth_seq_id'      
13 4 'Structure model' '_struct_conn.ptnr2_label_atom_id'    
14 4 'Structure model' '_struct_conn.ptnr2_label_comp_id'    
15 4 'Structure model' '_struct_conn.ptnr2_label_seq_id'     
# 
_pdbx_database_status.status_code                     REL 
_pdbx_database_status.entry_id                        1NAO 
_pdbx_database_status.recvd_initial_deposition_date   1996-03-29 
_pdbx_database_status.deposit_site                    ? 
_pdbx_database_status.process_site                    BNL 
_pdbx_database_status.status_code_sf                  ? 
_pdbx_database_status.status_code_mr                  REL 
_pdbx_database_status.SG_entry                        ? 
_pdbx_database_status.pdb_format_compatible           Y 
_pdbx_database_status.status_code_cs                  ? 
_pdbx_database_status.status_code_nmr_data            ? 
_pdbx_database_status.methods_development_category    ? 
# 
loop_
_audit_author.name 
_audit_author.pdbx_ordinal 
'Nishizaki, T.' 1 
'Iwai, S.'      2 
'Ohtsuka, E.'   3 
'Nakamura, H.'  4 
# 
_citation.id                        primary 
_citation.title                     
;Solution structure of an RNA.2'-O-methylated RNA hybrid duplex containing an RNA.DNA hybrid segment at the center.
;
_citation.journal_abbrev            Biochemistry 
_citation.journal_volume            36 
_citation.page_first                2577 
_citation.page_last                 2585 
_citation.year                      1997 
_citation.journal_id_ASTM           BICHAW 
_citation.country                   US 
_citation.journal_id_ISSN           0006-2960 
_citation.journal_id_CSD            0033 
_citation.book_publisher            ? 
_citation.pdbx_database_id_PubMed   9054564 
_citation.pdbx_database_id_DOI      10.1021/bi962297c 
# 
loop_
_citation_author.citation_id 
_citation_author.name 
_citation_author.ordinal 
_citation_author.identifier_ORCID 
primary 'Nishizaki, T.' 1 ? 
primary 'Iwai, S.'      2 ? 
primary 'Ohtsuka, E.'   3 ? 
primary 'Nakamura, H.'  4 ? 
# 
loop_
_entity.id 
_entity.type 
_entity.src_method 
_entity.pdbx_description 
_entity.formula_weight 
_entity.pdbx_number_of_molecules 
_entity.pdbx_ec 
_entity.pdbx_mutation 
_entity.pdbx_fragment 
_entity.details 
1 polymer syn 
;RNA (5'-R(*GP*GP*AP*GP*AP*UP*GP*AP*C)-3')
;
2934.831 1 ? ? ? 'A SUBSTRATE OF RNASE H' 
2 polymer syn 
;DNA/RNA (5'-R(*OMGP*OMUP*OMC)-D(P*AP*TP*CP*T)-R(P*OMCP*OMC)-3')
;
2802.865 1 ? ? ? 'A SUBSTRATE OF RNASE H' 
# 
loop_
_entity_poly.entity_id 
_entity_poly.type 
_entity_poly.nstd_linkage 
_entity_poly.nstd_monomer 
_entity_poly.pdbx_seq_one_letter_code 
_entity_poly.pdbx_seq_one_letter_code_can 
_entity_poly.pdbx_strand_id 
_entity_poly.pdbx_target_identifier 
1 polyribonucleotide                                  no no  GGAGAUGAC                                   GGAGAUGAC A ? 
2 'polydeoxyribonucleotide/polyribonucleotide hybrid' no yes '(OMG)(OMU)(OMC)(DA)(DT)(DC)(DT)(OMC)(OMC)' GUCATCTCC B ? 
# 
loop_
_entity_poly_seq.entity_id 
_entity_poly_seq.num 
_entity_poly_seq.mon_id 
_entity_poly_seq.hetero 
1 1 G   n 
1 2 G   n 
1 3 A   n 
1 4 G   n 
1 5 A   n 
1 6 U   n 
1 7 G   n 
1 8 A   n 
1 9 C   n 
2 1 OMG n 
2 2 OMU n 
2 3 OMC n 
2 4 DA  n 
2 5 DT  n 
2 6 DC  n 
2 7 DT  n 
2 8 OMC n 
2 9 OMC n 
# 
loop_
_chem_comp.id 
_chem_comp.type 
_chem_comp.mon_nstd_flag 
_chem_comp.name 
_chem_comp.pdbx_synonyms 
_chem_comp.formula 
_chem_comp.formula_weight 
A   'RNA linking' y "ADENOSINE-5'-MONOPHOSPHATE"           ? 'C10 H14 N5 O7 P' 347.221 
C   'RNA linking' y "CYTIDINE-5'-MONOPHOSPHATE"            ? 'C9 H14 N3 O8 P'  323.197 
DA  'DNA linking' y "2'-DEOXYADENOSINE-5'-MONOPHOSPHATE"   ? 'C10 H14 N5 O6 P' 331.222 
DC  'DNA linking' y "2'-DEOXYCYTIDINE-5'-MONOPHOSPHATE"    ? 'C9 H14 N3 O7 P'  307.197 
DT  'DNA linking' y "THYMIDINE-5'-MONOPHOSPHATE"           ? 'C10 H15 N2 O8 P' 322.208 
G   'RNA linking' y "GUANOSINE-5'-MONOPHOSPHATE"           ? 'C10 H14 N5 O8 P' 363.221 
OMC 'RNA linking' n "O2'-METHYLYCYTIDINE-5'-MONOPHOSPHATE" ? 'C10 H16 N3 O8 P' 337.223 
OMG 'RNA linking' n "O2'-METHYLGUANOSINE-5'-MONOPHOSPHATE" ? 'C11 H16 N5 O8 P' 377.247 
OMU 'RNA linking' n 
;O2'-METHYLURIDINE 5'-MONOPHOSPHATE
;
? 'C10 H15 N2 O9 P' 338.208 
U   'RNA linking' y "URIDINE-5'-MONOPHOSPHATE"             ? 'C9 H13 N2 O9 P'  324.181 
# 
loop_
_pdbx_poly_seq_scheme.asym_id 
_pdbx_poly_seq_scheme.entity_id 
_pdbx_poly_seq_scheme.seq_id 
_pdbx_poly_seq_scheme.mon_id 
_pdbx_poly_seq_scheme.ndb_seq_num 
_pdbx_poly_seq_scheme.pdb_seq_num 
_pdbx_poly_seq_scheme.auth_seq_num 
_pdbx_poly_seq_scheme.pdb_mon_id 
_pdbx_poly_seq_scheme.auth_mon_id 
_pdbx_poly_seq_scheme.pdb_strand_id 
_pdbx_poly_seq_scheme.pdb_ins_code 
_pdbx_poly_seq_scheme.hetero 
A 1 1 G   1 1  1  G   G   A . n 
A 1 2 G   2 2  2  G   G   A . n 
A 1 3 A   3 3  3  A   A   A . n 
A 1 4 G   4 4  4  G   G   A . n 
A 1 5 A   5 5  5  A   A   A . n 
A 1 6 U   6 6  6  U   U   A . n 
A 1 7 G   7 7  7  G   G   A . n 
A 1 8 A   8 8  8  A   A   A . n 
A 1 9 C   9 9  9  C   C   A . n 
B 2 1 OMG 1 10 10 OMG OMG B . n 
B 2 2 OMU 2 11 11 OMU OMU B . n 
B 2 3 OMC 3 12 12 OMC OMC B . n 
B 2 4 DA  4 13 13 DA  A   B . n 
B 2 5 DT  5 14 14 DT  T   B . n 
B 2 6 DC  6 15 15 DC  C   B . n 
B 2 7 DT  7 16 16 DT  T   B . n 
B 2 8 OMC 8 17 17 OMC OMC B . n 
B 2 9 OMC 9 18 18 OMC OMC B . n 
# 
loop_
_software.name 
_software.classification 
_software.version 
_software.citation_id 
_software.pdbx_ordinal 
X-PLOR 'model building' 3.1 ? 1 
X-PLOR refinement       3.1 ? 2 
X-PLOR phasing          3.1 ? 3 
# 
_cell.entry_id           1NAO 
_cell.length_a           1.000 
_cell.length_b           1.000 
_cell.length_c           1.000 
_cell.angle_alpha        90.00 
_cell.angle_beta         90.00 
_cell.angle_gamma        90.00 
_cell.Z_PDB              1 
_cell.pdbx_unique_axis   ? 
# 
_symmetry.entry_id                         1NAO 
_symmetry.space_group_name_H-M             'P 1' 
_symmetry.pdbx_full_space_group_name_H-M   ? 
_symmetry.cell_setting                     ? 
_symmetry.Int_Tables_number                1 
# 
_exptl.entry_id          1NAO 
_exptl.method            'SOLUTION NMR' 
_exptl.crystals_number   ? 
# 
_struct.entry_id                  1NAO 
_struct.title                     
;SOLUTION STRUCTURE OF AN RNA 2'-O-METHYLATED RNA DUPLEX CONTAINING AN RNA/DNA HYBRID SEGMENT AT THE CENTER, NMR, MINIMIZED AVERAGE STRUCTURE
;
_struct.pdbx_model_details        ? 
_struct.pdbx_CASP_flag            ? 
_struct.pdbx_model_type_details   ? 
# 
_struct_keywords.entry_id        1NAO 
_struct_keywords.pdbx_keywords   'DNA-RNA HYBRID' 
_struct_keywords.text            'DNA/RNA DUPLEX, DNA-RNA HYBRID' 
# 
loop_
_struct_asym.id 
_struct_asym.pdbx_blank_PDB_chainid_flag 
_struct_asym.pdbx_modified 
_struct_asym.entity_id 
_struct_asym.details 
A N N 1 ? 
B N N 2 ? 
# 
loop_
_struct_ref.id 
_struct_ref.entity_id 
_struct_ref.db_name 
_struct_ref.db_code 
_struct_ref.pdbx_db_accession 
_struct_ref.pdbx_align_begin 
_struct_ref.pdbx_seq_one_letter_code 
_struct_ref.pdbx_db_isoform 
1 1 PDB 1NAO 1NAO ? ? ? 
2 2 PDB 1NAO 1NAO ? ? ? 
# 
loop_
_struct_ref_seq.align_id 
_struct_ref_seq.ref_id 
_struct_ref_seq.pdbx_PDB_id_code 
_struct_ref_seq.pdbx_strand_id 
_struct_ref_seq.seq_align_beg 
_struct_ref_seq.pdbx_seq_align_beg_ins_code 
_struct_ref_seq.seq_align_end 
_struct_ref_seq.pdbx_seq_align_end_ins_code 
_struct_ref_seq.pdbx_db_accession 
_struct_ref_seq.db_align_beg 
_struct_ref_seq.pdbx_db_align_beg_ins_code 
_struct_ref_seq.db_align_end 
_struct_ref_seq.pdbx_db_align_end_ins_code 
_struct_ref_seq.pdbx_auth_seq_align_beg 
_struct_ref_seq.pdbx_auth_seq_align_end 
1 1 1NAO A 1 ? 9 ? 1NAO 1  ? 9  ? 1  9  
2 2 1NAO B 1 ? 9 ? 1NAO 10 ? 18 ? 10 18 
# 
_pdbx_struct_assembly.id                   1 
_pdbx_struct_assembly.details              author_defined_assembly 
_pdbx_struct_assembly.method_details       ? 
_pdbx_struct_assembly.oligomeric_details   dimeric 
_pdbx_struct_assembly.oligomeric_count     2 
# 
_pdbx_struct_assembly_gen.assembly_id       1 
_pdbx_struct_assembly_gen.oper_expression   1 
_pdbx_struct_assembly_gen.asym_id_list      A,B 
# 
_pdbx_struct_oper_list.id                   1 
_pdbx_struct_oper_list.type                 'identity operation' 
_pdbx_struct_oper_list.name                 1_555 
_pdbx_struct_oper_list.symmetry_operation   x,y,z 
_pdbx_struct_oper_list.matrix[1][1]         1.0000000000 
_pdbx_struct_oper_list.matrix[1][2]         0.0000000000 
_pdbx_struct_oper_list.matrix[1][3]         0.0000000000 
_pdbx_struct_oper_list.vector[1]            0.0000000000 
_pdbx_struct_oper_list.matrix[2][1]         0.0000000000 
_pdbx_struct_oper_list.matrix[2][2]         1.0000000000 
_pdbx_struct_oper_list.matrix[2][3]         0.0000000000 
_pdbx_struct_oper_list.vector[2]            0.0000000000 
_pdbx_struct_oper_list.matrix[3][1]         0.0000000000 
_pdbx_struct_oper_list.matrix[3][2]         0.0000000000 
_pdbx_struct_oper_list.matrix[3][3]         1.0000000000 
_pdbx_struct_oper_list.vector[3]            0.0000000000 
# 
_struct_biol.id        1 
_struct_biol.details   ? 
# 
loop_
_struct_conn.id 
_struct_conn.conn_type_id 
_struct_conn.pdbx_leaving_atom_flag 
_struct_conn.pdbx_PDB_id 
_struct_conn.ptnr1_label_asym_id 
_struct_conn.ptnr1_label_comp_id 
_struct_conn.ptnr1_label_seq_id 
_struct_conn.ptnr1_label_atom_id 
_struct_conn.pdbx_ptnr1_label_alt_id 
_struct_conn.pdbx_ptnr1_PDB_ins_code 
_struct_conn.pdbx_ptnr1_standard_comp_id 
_struct_conn.ptnr1_symmetry 
_struct_conn.ptnr2_label_asym_id 
_struct_conn.ptnr2_label_comp_id 
_struct_conn.ptnr2_label_seq_id 
_struct_conn.ptnr2_label_atom_id 
_struct_conn.pdbx_ptnr2_label_alt_id 
_struct_conn.pdbx_ptnr2_PDB_ins_code 
_struct_conn.ptnr1_auth_asym_id 
_struct_conn.ptnr1_auth_comp_id 
_struct_conn.ptnr1_auth_seq_id 
_struct_conn.ptnr2_auth_asym_id 
_struct_conn.ptnr2_auth_comp_id 
_struct_conn.ptnr2_auth_seq_id 
_struct_conn.ptnr2_symmetry 
_struct_conn.pdbx_ptnr3_label_atom_id 
_struct_conn.pdbx_ptnr3_label_seq_id 
_struct_conn.pdbx_ptnr3_label_comp_id 
_struct_conn.pdbx_ptnr3_label_asym_id 
_struct_conn.pdbx_ptnr3_label_alt_id 
_struct_conn.pdbx_ptnr3_PDB_ins_code 
_struct_conn.details 
_struct_conn.pdbx_dist_value 
_struct_conn.pdbx_value_order 
_struct_conn.pdbx_role 
covale1  covale both ? B OMG 1 "O3'" ? ? ? 1_555 B OMU 2 P  ? ? B OMG 10 B OMU 11 1_555 ? ? ? ? ? ? ?            1.618 ? ? 
covale2  covale both ? B OMU 2 "O3'" ? ? ? 1_555 B OMC 3 P  ? ? B OMU 11 B OMC 12 1_555 ? ? ? ? ? ? ?            1.609 ? ? 
covale3  covale both ? B OMC 3 "O3'" ? ? ? 1_555 B DA  4 P  ? ? B OMC 12 B DA  13 1_555 ? ? ? ? ? ? ?            1.617 ? ? 
covale4  covale both ? B DT  7 "O3'" ? ? ? 1_555 B OMC 8 P  ? ? B DT  16 B OMC 17 1_555 ? ? ? ? ? ? ?            1.621 ? ? 
covale5  covale both ? B OMC 8 "O3'" ? ? ? 1_555 B OMC 9 P  ? ? B OMC 17 B OMC 18 1_555 ? ? ? ? ? ? ?            1.615 ? ? 
hydrog1  hydrog ?    ? A G   1 N1    ? ? ? 1_555 B OMC 9 N3 ? ? A G   1  B OMC 18 1_555 ? ? ? ? ? ? WATSON-CRICK ?     ? ? 
hydrog2  hydrog ?    ? A G   1 N2    ? ? ? 1_555 B OMC 9 O2 ? ? A G   1  B OMC 18 1_555 ? ? ? ? ? ? WATSON-CRICK ?     ? ? 
hydrog3  hydrog ?    ? A G   1 O6    ? ? ? 1_555 B OMC 9 N4 ? ? A G   1  B OMC 18 1_555 ? ? ? ? ? ? WATSON-CRICK ?     ? ? 
hydrog4  hydrog ?    ? A G   2 N1    ? ? ? 1_555 B OMC 8 N3 ? ? A G   2  B OMC 17 1_555 ? ? ? ? ? ? WATSON-CRICK ?     ? ? 
hydrog5  hydrog ?    ? A G   2 N2    ? ? ? 1_555 B OMC 8 O2 ? ? A G   2  B OMC 17 1_555 ? ? ? ? ? ? WATSON-CRICK ?     ? ? 
hydrog6  hydrog ?    ? A G   2 O6    ? ? ? 1_555 B OMC 8 N4 ? ? A G   2  B OMC 17 1_555 ? ? ? ? ? ? WATSON-CRICK ?     ? ? 
hydrog7  hydrog ?    ? A A   3 N1    ? ? ? 1_555 B DT  7 N3 ? ? A A   3  B DT  16 1_555 ? ? ? ? ? ? WATSON-CRICK ?     ? ? 
hydrog8  hydrog ?    ? A A   3 N6    ? ? ? 1_555 B DT  7 O4 ? ? A A   3  B DT  16 1_555 ? ? ? ? ? ? WATSON-CRICK ?     ? ? 
hydrog9  hydrog ?    ? A G   4 N1    ? ? ? 1_555 B DC  6 N3 ? ? A G   4  B DC  15 1_555 ? ? ? ? ? ? WATSON-CRICK ?     ? ? 
hydrog10 hydrog ?    ? A G   4 N2    ? ? ? 1_555 B DC  6 O2 ? ? A G   4  B DC  15 1_555 ? ? ? ? ? ? WATSON-CRICK ?     ? ? 
hydrog11 hydrog ?    ? A G   4 O6    ? ? ? 1_555 B DC  6 N4 ? ? A G   4  B DC  15 1_555 ? ? ? ? ? ? WATSON-CRICK ?     ? ? 
hydrog12 hydrog ?    ? A A   5 N1    ? ? ? 1_555 B DT  5 N3 ? ? A A   5  B DT  14 1_555 ? ? ? ? ? ? WATSON-CRICK ?     ? ? 
hydrog13 hydrog ?    ? A A   5 N6    ? ? ? 1_555 B DT  5 O4 ? ? A A   5  B DT  14 1_555 ? ? ? ? ? ? WATSON-CRICK ?     ? ? 
hydrog14 hydrog ?    ? A U   6 N3    ? ? ? 1_555 B DA  4 N1 ? ? A U   6  B DA  13 1_555 ? ? ? ? ? ? WATSON-CRICK ?     ? ? 
hydrog15 hydrog ?    ? A U   6 O4    ? ? ? 1_555 B DA  4 N6 ? ? A U   6  B DA  13 1_555 ? ? ? ? ? ? WATSON-CRICK ?     ? ? 
hydrog16 hydrog ?    ? A G   7 N1    ? ? ? 1_555 B OMC 3 N3 ? ? A G   7  B OMC 12 1_555 ? ? ? ? ? ? WATSON-CRICK ?     ? ? 
hydrog17 hydrog ?    ? A G   7 N2    ? ? ? 1_555 B OMC 3 O2 ? ? A G   7  B OMC 12 1_555 ? ? ? ? ? ? WATSON-CRICK ?     ? ? 
hydrog18 hydrog ?    ? A G   7 O6    ? ? ? 1_555 B OMC 3 N4 ? ? A G   7  B OMC 12 1_555 ? ? ? ? ? ? WATSON-CRICK ?     ? ? 
hydrog19 hydrog ?    ? A A   8 N1    ? ? ? 1_555 B OMU 2 N3 ? ? A A   8  B OMU 11 1_555 ? ? ? ? ? ? WATSON-CRICK ?     ? ? 
hydrog20 hydrog ?    ? A A   8 N6    ? ? ? 1_555 B OMU 2 O4 ? ? A A   8  B OMU 11 1_555 ? ? ? ? ? ? WATSON-CRICK ?     ? ? 
hydrog21 hydrog ?    ? A C   9 N3    ? ? ? 1_555 B OMG 1 N1 ? ? A C   9  B OMG 10 1_555 ? ? ? ? ? ? WATSON-CRICK ?     ? ? 
hydrog22 hydrog ?    ? A C   9 N4    ? ? ? 1_555 B OMG 1 O6 ? ? A C   9  B OMG 10 1_555 ? ? ? ? ? ? WATSON-CRICK ?     ? ? 
hydrog23 hydrog ?    ? A C   9 O2    ? ? ? 1_555 B OMG 1 N2 ? ? A C   9  B OMG 10 1_555 ? ? ? ? ? ? WATSON-CRICK ?     ? ? 
# 
loop_
_struct_conn_type.id 
_struct_conn_type.criteria 
_struct_conn_type.reference 
covale ? ? 
hydrog ? ? 
# 
loop_
_pdbx_validate_rmsd_angle.id 
_pdbx_validate_rmsd_angle.PDB_model_num 
_pdbx_validate_rmsd_angle.auth_atom_id_1 
_pdbx_validate_rmsd_angle.auth_asym_id_1 
_pdbx_validate_rmsd_angle.auth_comp_id_1 
_pdbx_validate_rmsd_angle.auth_seq_id_1 
_pdbx_validate_rmsd_angle.PDB_ins_code_1 
_pdbx_validate_rmsd_angle.label_alt_id_1 
_pdbx_validate_rmsd_angle.auth_atom_id_2 
_pdbx_validate_rmsd_angle.auth_asym_id_2 
_pdbx_validate_rmsd_angle.auth_comp_id_2 
_pdbx_validate_rmsd_angle.auth_seq_id_2 
_pdbx_validate_rmsd_angle.PDB_ins_code_2 
_pdbx_validate_rmsd_angle.label_alt_id_2 
_pdbx_validate_rmsd_angle.auth_atom_id_3 
_pdbx_validate_rmsd_angle.auth_asym_id_3 
_pdbx_validate_rmsd_angle.auth_comp_id_3 
_pdbx_validate_rmsd_angle.auth_seq_id_3 
_pdbx_validate_rmsd_angle.PDB_ins_code_3 
_pdbx_validate_rmsd_angle.label_alt_id_3 
_pdbx_validate_rmsd_angle.angle_value 
_pdbx_validate_rmsd_angle.angle_target_value 
_pdbx_validate_rmsd_angle.angle_deviation 
_pdbx_validate_rmsd_angle.angle_standard_deviation 
_pdbx_validate_rmsd_angle.linker_flag 
1  1 "C3'" A G  1  ? ? "C2'" A G  1  ? ? "C1'" A G  1  ? ? 106.67 101.50 5.17  0.80 N 
2  1 N7    A G  1  ? ? C8    A G  1  ? ? N9    A G  1  ? ? 117.47 113.10 4.37  0.50 N 
3  1 C8    A G  1  ? ? N9    A G  1  ? ? C4    A G  1  ? ? 103.93 106.40 -2.47 0.40 N 
4  1 N7    A G  2  ? ? C8    A G  2  ? ? N9    A G  2  ? ? 117.66 113.10 4.56  0.50 N 
5  1 N7    A A  3  ? ? C8    A A  3  ? ? N9    A A  3  ? ? 117.62 113.80 3.82  0.50 N 
6  1 N7    A G  4  ? ? C8    A G  4  ? ? N9    A G  4  ? ? 117.62 113.10 4.52  0.50 N 
7  1 C8    A G  4  ? ? N9    A G  4  ? ? C4    A G  4  ? ? 103.81 106.40 -2.59 0.40 N 
8  1 N7    A A  5  ? ? C8    A A  5  ? ? N9    A A  5  ? ? 118.05 113.80 4.25  0.50 N 
9  1 "C3'" A U  6  ? ? "C2'" A U  6  ? ? "C1'" A U  6  ? ? 106.78 101.50 5.28  0.80 N 
10 1 "O4'" A U  6  ? ? "C1'" A U  6  ? ? N1    A U  6  ? ? 113.43 108.50 4.93  0.70 N 
11 1 "C3'" A G  7  ? ? "C2'" A G  7  ? ? "C1'" A G  7  ? ? 106.44 101.50 4.94  0.80 N 
12 1 N7    A G  7  ? ? C8    A G  7  ? ? N9    A G  7  ? ? 117.53 113.10 4.43  0.50 N 
13 1 N7    A A  8  ? ? C8    A A  8  ? ? N9    A A  8  ? ? 117.53 113.80 3.73  0.50 N 
14 1 "O4'" B DA 13 ? ? "C1'" B DA 13 ? ? N9    B DA 13 ? ? 110.81 108.30 2.51  0.30 N 
15 1 N7    B DA 13 ? ? C8    B DA 13 ? ? N9    B DA 13 ? ? 117.85 113.80 4.05  0.50 N 
16 1 "O4'" B DT 14 ? ? "C1'" B DT 14 ? ? N1    B DT 14 ? ? 111.61 108.30 3.31  0.30 N 
17 1 "O4'" B DC 15 ? ? "C1'" B DC 15 ? ? N1    B DC 15 ? ? 111.70 108.30 3.40  0.30 N 
18 1 "O4'" B DT 16 ? ? "C1'" B DT 16 ? ? N1    B DT 16 ? ? 111.46 108.30 3.16  0.30 N 
# 
loop_
_pdbx_struct_mod_residue.id 
_pdbx_struct_mod_residue.label_asym_id 
_pdbx_struct_mod_residue.label_comp_id 
_pdbx_struct_mod_residue.label_seq_id 
_pdbx_struct_mod_residue.auth_asym_id 
_pdbx_struct_mod_residue.auth_comp_id 
_pdbx_struct_mod_residue.auth_seq_id 
_pdbx_struct_mod_residue.PDB_ins_code 
_pdbx_struct_mod_residue.parent_comp_id 
_pdbx_struct_mod_residue.details 
1 B OMG 1 B OMG 10 ? G "O2'-METHYLGUANOSINE-5'-MONOPHOSPHATE" 
2 B OMU 2 B OMU 11 ? U 
;O2'-METHYLURIDINE 5'-MONOPHOSPHATE
;
3 B OMC 3 B OMC 12 ? C "O2'-METHYLYCYTIDINE-5'-MONOPHOSPHATE" 
4 B OMC 8 B OMC 17 ? C "O2'-METHYLYCYTIDINE-5'-MONOPHOSPHATE" 
5 B OMC 9 B OMC 18 ? C "O2'-METHYLYCYTIDINE-5'-MONOPHOSPHATE" 
# 
_pdbx_nmr_ensemble.entry_id                                      1NAO 
_pdbx_nmr_ensemble.conformers_calculated_total_number            10 
_pdbx_nmr_ensemble.conformers_submitted_total_number             1 
_pdbx_nmr_ensemble.conformer_selection_criteria                  AVERAGED 
_pdbx_nmr_ensemble.average_constraints_per_residue               ? 
_pdbx_nmr_ensemble.average_constraint_violations_per_residue     ? 
_pdbx_nmr_ensemble.maximum_distance_constraint_violation         ? 
_pdbx_nmr_ensemble.average_distance_constraint_violation         ? 
_pdbx_nmr_ensemble.maximum_upper_distance_constraint_violation   ? 
_pdbx_nmr_ensemble.maximum_lower_distance_constraint_violation   ? 
_pdbx_nmr_ensemble.distance_constraint_violation_method          ? 
_pdbx_nmr_ensemble.maximum_torsion_angle_constraint_violation    ? 
_pdbx_nmr_ensemble.average_torsion_angle_constraint_violation    ? 
_pdbx_nmr_ensemble.torsion_angle_constraint_violation_method     ? 
# 
_pdbx_nmr_exptl_sample_conditions.conditions_id       1 
_pdbx_nmr_exptl_sample_conditions.temperature         313 
_pdbx_nmr_exptl_sample_conditions.pressure            ? 
_pdbx_nmr_exptl_sample_conditions.pH                  7.0 
_pdbx_nmr_exptl_sample_conditions.ionic_strength      ? 
_pdbx_nmr_exptl_sample_conditions.pressure_units      . 
_pdbx_nmr_exptl_sample_conditions.temperature_units   K 
# 
_pdbx_nmr_details.entry_id   1NAO 
_pdbx_nmr_details.text       '00MM NACL, 50MM NA PHOSPHATE, 3MM EDTA' 
# 
_pdbx_nmr_refine.entry_id           1NAO 
_pdbx_nmr_refine.method             'simulated annealing' 
_pdbx_nmr_refine.details            ? 
_pdbx_nmr_refine.software_ordinal   1 
# 
loop_
_pdbx_nmr_software.classification 
_pdbx_nmr_software.name 
_pdbx_nmr_software.version 
_pdbx_nmr_software.authors 
_pdbx_nmr_software.ordinal 
refinement           'X-PLOR 3.1F' 3.1F BRUNGER 1 
'structure solution' X-PLOR        ?    ?       2 
# 
loop_
_chem_comp_atom.comp_id 
_chem_comp_atom.atom_id 
_chem_comp_atom.type_symbol 
_chem_comp_atom.pdbx_aromatic_flag 
_chem_comp_atom.pdbx_stereo_config 
_chem_comp_atom.pdbx_ordinal 
A   OP3    O N N 1   
A   P      P N N 2   
A   OP1    O N N 3   
A   OP2    O N N 4   
A   "O5'"  O N N 5   
A   "C5'"  C N N 6   
A   "C4'"  C N R 7   
A   "O4'"  O N N 8   
A   "C3'"  C N S 9   
A   "O3'"  O N N 10  
A   "C2'"  C N R 11  
A   "O2'"  O N N 12  
A   "C1'"  C N R 13  
A   N9     N Y N 14  
A   C8     C Y N 15  
A   N7     N Y N 16  
A   C5     C Y N 17  
A   C6     C Y N 18  
A   N6     N N N 19  
A   N1     N Y N 20  
A   C2     C Y N 21  
A   N3     N Y N 22  
A   C4     C Y N 23  
A   HOP3   H N N 24  
A   HOP2   H N N 25  
A   "H5'"  H N N 26  
A   "H5''" H N N 27  
A   "H4'"  H N N 28  
A   "H3'"  H N N 29  
A   "HO3'" H N N 30  
A   "H2'"  H N N 31  
A   "HO2'" H N N 32  
A   "H1'"  H N N 33  
A   H8     H N N 34  
A   H61    H N N 35  
A   H62    H N N 36  
A   H2     H N N 37  
C   OP3    O N N 38  
C   P      P N N 39  
C   OP1    O N N 40  
C   OP2    O N N 41  
C   "O5'"  O N N 42  
C   "C5'"  C N N 43  
C   "C4'"  C N R 44  
C   "O4'"  O N N 45  
C   "C3'"  C N S 46  
C   "O3'"  O N N 47  
C   "C2'"  C N R 48  
C   "O2'"  O N N 49  
C   "C1'"  C N R 50  
C   N1     N N N 51  
C   C2     C N N 52  
C   O2     O N N 53  
C   N3     N N N 54  
C   C4     C N N 55  
C   N4     N N N 56  
C   C5     C N N 57  
C   C6     C N N 58  
C   HOP3   H N N 59  
C   HOP2   H N N 60  
C   "H5'"  H N N 61  
C   "H5''" H N N 62  
C   "H4'"  H N N 63  
C   "H3'"  H N N 64  
C   "HO3'" H N N 65  
C   "H2'"  H N N 66  
C   "HO2'" H N N 67  
C   "H1'"  H N N 68  
C   H41    H N N 69  
C   H42    H N N 70  
C   H5     H N N 71  
C   H6     H N N 72  
DA  OP3    O N N 73  
DA  P      P N N 74  
DA  OP1    O N N 75  
DA  OP2    O N N 76  
DA  "O5'"  O N N 77  
DA  "C5'"  C N N 78  
DA  "C4'"  C N R 79  
DA  "O4'"  O N N 80  
DA  "C3'"  C N S 81  
DA  "O3'"  O N N 82  
DA  "C2'"  C N N 83  
DA  "C1'"  C N R 84  
DA  N9     N Y N 85  
DA  C8     C Y N 86  
DA  N7     N Y N 87  
DA  C5     C Y N 88  
DA  C6     C Y N 89  
DA  N6     N N N 90  
DA  N1     N Y N 91  
DA  C2     C Y N 92  
DA  N3     N Y N 93  
DA  C4     C Y N 94  
DA  HOP3   H N N 95  
DA  HOP2   H N N 96  
DA  "H5'"  H N N 97  
DA  "H5''" H N N 98  
DA  "H4'"  H N N 99  
DA  "H3'"  H N N 100 
DA  "HO3'" H N N 101 
DA  "H2'"  H N N 102 
DA  "H2''" H N N 103 
DA  "H1'"  H N N 104 
DA  H8     H N N 105 
DA  H61    H N N 106 
DA  H62    H N N 107 
DA  H2     H N N 108 
DC  OP3    O N N 109 
DC  P      P N N 110 
DC  OP1    O N N 111 
DC  OP2    O N N 112 
DC  "O5'"  O N N 113 
DC  "C5'"  C N N 114 
DC  "C4'"  C N R 115 
DC  "O4'"  O N N 116 
DC  "C3'"  C N S 117 
DC  "O3'"  O N N 118 
DC  "C2'"  C N N 119 
DC  "C1'"  C N R 120 
DC  N1     N N N 121 
DC  C2     C N N 122 
DC  O2     O N N 123 
DC  N3     N N N 124 
DC  C4     C N N 125 
DC  N4     N N N 126 
DC  C5     C N N 127 
DC  C6     C N N 128 
DC  HOP3   H N N 129 
DC  HOP2   H N N 130 
DC  "H5'"  H N N 131 
DC  "H5''" H N N 132 
DC  "H4'"  H N N 133 
DC  "H3'"  H N N 134 
DC  "HO3'" H N N 135 
DC  "H2'"  H N N 136 
DC  "H2''" H N N 137 
DC  "H1'"  H N N 138 
DC  H41    H N N 139 
DC  H42    H N N 140 
DC  H5     H N N 141 
DC  H6     H N N 142 
DT  OP3    O N N 143 
DT  P      P N N 144 
DT  OP1    O N N 145 
DT  OP2    O N N 146 
DT  "O5'"  O N N 147 
DT  "C5'"  C N N 148 
DT  "C4'"  C N R 149 
DT  "O4'"  O N N 150 
DT  "C3'"  C N S 151 
DT  "O3'"  O N N 152 
DT  "C2'"  C N N 153 
DT  "C1'"  C N R 154 
DT  N1     N N N 155 
DT  C2     C N N 156 
DT  O2     O N N 157 
DT  N3     N N N 158 
DT  C4     C N N 159 
DT  O4     O N N 160 
DT  C5     C N N 161 
DT  C7     C N N 162 
DT  C6     C N N 163 
DT  HOP3   H N N 164 
DT  HOP2   H N N 165 
DT  "H5'"  H N N 166 
DT  "H5''" H N N 167 
DT  "H4'"  H N N 168 
DT  "H3'"  H N N 169 
DT  "HO3'" H N N 170 
DT  "H2'"  H N N 171 
DT  "H2''" H N N 172 
DT  "H1'"  H N N 173 
DT  H3     H N N 174 
DT  H71    H N N 175 
DT  H72    H N N 176 
DT  H73    H N N 177 
DT  H6     H N N 178 
G   OP3    O N N 179 
G   P      P N N 180 
G   OP1    O N N 181 
G   OP2    O N N 182 
G   "O5'"  O N N 183 
G   "C5'"  C N N 184 
G   "C4'"  C N R 185 
G   "O4'"  O N N 186 
G   "C3'"  C N S 187 
G   "O3'"  O N N 188 
G   "C2'"  C N R 189 
G   "O2'"  O N N 190 
G   "C1'"  C N R 191 
G   N9     N Y N 192 
G   C8     C Y N 193 
G   N7     N Y N 194 
G   C5     C Y N 195 
G   C6     C N N 196 
G   O6     O N N 197 
G   N1     N N N 198 
G   C2     C N N 199 
G   N2     N N N 200 
G   N3     N N N 201 
G   C4     C Y N 202 
G   HOP3   H N N 203 
G   HOP2   H N N 204 
G   "H5'"  H N N 205 
G   "H5''" H N N 206 
G   "H4'"  H N N 207 
G   "H3'"  H N N 208 
G   "HO3'" H N N 209 
G   "H2'"  H N N 210 
G   "HO2'" H N N 211 
G   "H1'"  H N N 212 
G   H8     H N N 213 
G   H1     H N N 214 
G   H21    H N N 215 
G   H22    H N N 216 
OMC N1     N N N 217 
OMC C2     C N N 218 
OMC N3     N N N 219 
OMC C4     C N N 220 
OMC C5     C N N 221 
OMC C6     C N N 222 
OMC O2     O N N 223 
OMC N4     N N N 224 
OMC "C1'"  C N R 225 
OMC "C2'"  C N R 226 
OMC "O2'"  O N N 227 
OMC CM2    C N N 228 
OMC "C3'"  C N R 229 
OMC "C4'"  C N R 230 
OMC "O4'"  O N N 231 
OMC "O3'"  O N N 232 
OMC "C5'"  C N N 233 
OMC "O5'"  O N N 234 
OMC P      P N N 235 
OMC OP1    O N N 236 
OMC OP2    O N N 237 
OMC OP3    O N N 238 
OMC H5     H N N 239 
OMC H6     H N N 240 
OMC HN41   H N N 241 
OMC HN42   H N N 242 
OMC "H1'"  H N N 243 
OMC "H2'"  H N N 244 
OMC HM21   H N N 245 
OMC HM22   H N N 246 
OMC HM23   H N N 247 
OMC "H3'"  H N N 248 
OMC "H4'"  H N N 249 
OMC "HO3'" H N N 250 
OMC "H5'"  H N N 251 
OMC "H5''" H N N 252 
OMC HOP2   H N N 253 
OMC HOP3   H N N 254 
OMG P      P N N 255 
OMG OP1    O N N 256 
OMG OP2    O N N 257 
OMG OP3    O N N 258 
OMG "O5'"  O N N 259 
OMG "C5'"  C N N 260 
OMG "C4'"  C N R 261 
OMG "O4'"  O N N 262 
OMG "C3'"  C N R 263 
OMG "O3'"  O N N 264 
OMG "C2'"  C N R 265 
OMG "O2'"  O N N 266 
OMG CM2    C N N 267 
OMG "C1'"  C N R 268 
OMG N9     N Y N 269 
OMG C8     C Y N 270 
OMG N7     N Y N 271 
OMG C5     C Y N 272 
OMG C6     C N N 273 
OMG O6     O N N 274 
OMG N1     N N N 275 
OMG C2     C N N 276 
OMG N2     N N N 277 
OMG N3     N N N 278 
OMG C4     C Y N 279 
OMG HOP2   H N N 280 
OMG HOP3   H N N 281 
OMG "H5'"  H N N 282 
OMG "H5''" H N N 283 
OMG "H4'"  H N N 284 
OMG "H3'"  H N N 285 
OMG "HO3'" H N N 286 
OMG "H2'"  H N N 287 
OMG HM21   H N N 288 
OMG HM22   H N N 289 
OMG HM23   H N N 290 
OMG "H1'"  H N N 291 
OMG H8     H N N 292 
OMG HN1    H N N 293 
OMG HN21   H N N 294 
OMG HN22   H N N 295 
OMU N1     N N N 296 
OMU C2     C N N 297 
OMU N3     N N N 298 
OMU C4     C N N 299 
OMU C5     C N N 300 
OMU C6     C N N 301 
OMU O2     O N N 302 
OMU O4     O N N 303 
OMU "C1'"  C N R 304 
OMU "C2'"  C N R 305 
OMU "O2'"  O N N 306 
OMU CM2    C N N 307 
OMU "C3'"  C N R 308 
OMU "C4'"  C N R 309 
OMU "O3'"  O N N 310 
OMU "O4'"  O N N 311 
OMU "C5'"  C N N 312 
OMU "O5'"  O N N 313 
OMU P      P N N 314 
OMU OP1    O N N 315 
OMU OP2    O N N 316 
OMU OP3    O N N 317 
OMU HN3    H N N 318 
OMU H5     H N N 319 
OMU H6     H N N 320 
OMU "H1'"  H N N 321 
OMU "H2'"  H N N 322 
OMU HM21   H N N 323 
OMU HM22   H N N 324 
OMU HM23   H N N 325 
OMU "H3'"  H N N 326 
OMU "H4'"  H N N 327 
OMU "HO3'" H N N 328 
OMU "H5'"  H N N 329 
OMU "H5''" H N N 330 
OMU HOP2   H N N 331 
OMU HOP3   H N N 332 
U   OP3    O N N 333 
U   P      P N N 334 
U   OP1    O N N 335 
U   OP2    O N N 336 
U   "O5'"  O N N 337 
U   "C5'"  C N N 338 
U   "C4'"  C N R 339 
U   "O4'"  O N N 340 
U   "C3'"  C N S 341 
U   "O3'"  O N N 342 
U   "C2'"  C N R 343 
U   "O2'"  O N N 344 
U   "C1'"  C N R 345 
U   N1     N N N 346 
U   C2     C N N 347 
U   O2     O N N 348 
U   N3     N N N 349 
U   C4     C N N 350 
U   O4     O N N 351 
U   C5     C N N 352 
U   C6     C N N 353 
U   HOP3   H N N 354 
U   HOP2   H N N 355 
U   "H5'"  H N N 356 
U   "H5''" H N N 357 
U   "H4'"  H N N 358 
U   "H3'"  H N N 359 
U   "HO3'" H N N 360 
U   "H2'"  H N N 361 
U   "HO2'" H N N 362 
U   "H1'"  H N N 363 
U   H3     H N N 364 
U   H5     H N N 365 
U   H6     H N N 366 
# 
loop_
_chem_comp_bond.comp_id 
_chem_comp_bond.atom_id_1 
_chem_comp_bond.atom_id_2 
_chem_comp_bond.value_order 
_chem_comp_bond.pdbx_aromatic_flag 
_chem_comp_bond.pdbx_stereo_config 
_chem_comp_bond.pdbx_ordinal 
A   OP3   P      sing N N 1   
A   OP3   HOP3   sing N N 2   
A   P     OP1    doub N N 3   
A   P     OP2    sing N N 4   
A   P     "O5'"  sing N N 5   
A   OP2   HOP2   sing N N 6   
A   "O5'" "C5'"  sing N N 7   
A   "C5'" "C4'"  sing N N 8   
A   "C5'" "H5'"  sing N N 9   
A   "C5'" "H5''" sing N N 10  
A   "C4'" "O4'"  sing N N 11  
A   "C4'" "C3'"  sing N N 12  
A   "C4'" "H4'"  sing N N 13  
A   "O4'" "C1'"  sing N N 14  
A   "C3'" "O3'"  sing N N 15  
A   "C3'" "C2'"  sing N N 16  
A   "C3'" "H3'"  sing N N 17  
A   "O3'" "HO3'" sing N N 18  
A   "C2'" "O2'"  sing N N 19  
A   "C2'" "C1'"  sing N N 20  
A   "C2'" "H2'"  sing N N 21  
A   "O2'" "HO2'" sing N N 22  
A   "C1'" N9     sing N N 23  
A   "C1'" "H1'"  sing N N 24  
A   N9    C8     sing Y N 25  
A   N9    C4     sing Y N 26  
A   C8    N7     doub Y N 27  
A   C8    H8     sing N N 28  
A   N7    C5     sing Y N 29  
A   C5    C6     sing Y N 30  
A   C5    C4     doub Y N 31  
A   C6    N6     sing N N 32  
A   C6    N1     doub Y N 33  
A   N6    H61    sing N N 34  
A   N6    H62    sing N N 35  
A   N1    C2     sing Y N 36  
A   C2    N3     doub Y N 37  
A   C2    H2     sing N N 38  
A   N3    C4     sing Y N 39  
C   OP3   P      sing N N 40  
C   OP3   HOP3   sing N N 41  
C   P     OP1    doub N N 42  
C   P     OP2    sing N N 43  
C   P     "O5'"  sing N N 44  
C   OP2   HOP2   sing N N 45  
C   "O5'" "C5'"  sing N N 46  
C   "C5'" "C4'"  sing N N 47  
C   "C5'" "H5'"  sing N N 48  
C   "C5'" "H5''" sing N N 49  
C   "C4'" "O4'"  sing N N 50  
C   "C4'" "C3'"  sing N N 51  
C   "C4'" "H4'"  sing N N 52  
C   "O4'" "C1'"  sing N N 53  
C   "C3'" "O3'"  sing N N 54  
C   "C3'" "C2'"  sing N N 55  
C   "C3'" "H3'"  sing N N 56  
C   "O3'" "HO3'" sing N N 57  
C   "C2'" "O2'"  sing N N 58  
C   "C2'" "C1'"  sing N N 59  
C   "C2'" "H2'"  sing N N 60  
C   "O2'" "HO2'" sing N N 61  
C   "C1'" N1     sing N N 62  
C   "C1'" "H1'"  sing N N 63  
C   N1    C2     sing N N 64  
C   N1    C6     sing N N 65  
C   C2    O2     doub N N 66  
C   C2    N3     sing N N 67  
C   N3    C4     doub N N 68  
C   C4    N4     sing N N 69  
C   C4    C5     sing N N 70  
C   N4    H41    sing N N 71  
C   N4    H42    sing N N 72  
C   C5    C6     doub N N 73  
C   C5    H5     sing N N 74  
C   C6    H6     sing N N 75  
DA  OP3   P      sing N N 76  
DA  OP3   HOP3   sing N N 77  
DA  P     OP1    doub N N 78  
DA  P     OP2    sing N N 79  
DA  P     "O5'"  sing N N 80  
DA  OP2   HOP2   sing N N 81  
DA  "O5'" "C5'"  sing N N 82  
DA  "C5'" "C4'"  sing N N 83  
DA  "C5'" "H5'"  sing N N 84  
DA  "C5'" "H5''" sing N N 85  
DA  "C4'" "O4'"  sing N N 86  
DA  "C4'" "C3'"  sing N N 87  
DA  "C4'" "H4'"  sing N N 88  
DA  "O4'" "C1'"  sing N N 89  
DA  "C3'" "O3'"  sing N N 90  
DA  "C3'" "C2'"  sing N N 91  
DA  "C3'" "H3'"  sing N N 92  
DA  "O3'" "HO3'" sing N N 93  
DA  "C2'" "C1'"  sing N N 94  
DA  "C2'" "H2'"  sing N N 95  
DA  "C2'" "H2''" sing N N 96  
DA  "C1'" N9     sing N N 97  
DA  "C1'" "H1'"  sing N N 98  
DA  N9    C8     sing Y N 99  
DA  N9    C4     sing Y N 100 
DA  C8    N7     doub Y N 101 
DA  C8    H8     sing N N 102 
DA  N7    C5     sing Y N 103 
DA  C5    C6     sing Y N 104 
DA  C5    C4     doub Y N 105 
DA  C6    N6     sing N N 106 
DA  C6    N1     doub Y N 107 
DA  N6    H61    sing N N 108 
DA  N6    H62    sing N N 109 
DA  N1    C2     sing Y N 110 
DA  C2    N3     doub Y N 111 
DA  C2    H2     sing N N 112 
DA  N3    C4     sing Y N 113 
DC  OP3   P      sing N N 114 
DC  OP3   HOP3   sing N N 115 
DC  P     OP1    doub N N 116 
DC  P     OP2    sing N N 117 
DC  P     "O5'"  sing N N 118 
DC  OP2   HOP2   sing N N 119 
DC  "O5'" "C5'"  sing N N 120 
DC  "C5'" "C4'"  sing N N 121 
DC  "C5'" "H5'"  sing N N 122 
DC  "C5'" "H5''" sing N N 123 
DC  "C4'" "O4'"  sing N N 124 
DC  "C4'" "C3'"  sing N N 125 
DC  "C4'" "H4'"  sing N N 126 
DC  "O4'" "C1'"  sing N N 127 
DC  "C3'" "O3'"  sing N N 128 
DC  "C3'" "C2'"  sing N N 129 
DC  "C3'" "H3'"  sing N N 130 
DC  "O3'" "HO3'" sing N N 131 
DC  "C2'" "C1'"  sing N N 132 
DC  "C2'" "H2'"  sing N N 133 
DC  "C2'" "H2''" sing N N 134 
DC  "C1'" N1     sing N N 135 
DC  "C1'" "H1'"  sing N N 136 
DC  N1    C2     sing N N 137 
DC  N1    C6     sing N N 138 
DC  C2    O2     doub N N 139 
DC  C2    N3     sing N N 140 
DC  N3    C4     doub N N 141 
DC  C4    N4     sing N N 142 
DC  C4    C5     sing N N 143 
DC  N4    H41    sing N N 144 
DC  N4    H42    sing N N 145 
DC  C5    C6     doub N N 146 
DC  C5    H5     sing N N 147 
DC  C6    H6     sing N N 148 
DT  OP3   P      sing N N 149 
DT  OP3   HOP3   sing N N 150 
DT  P     OP1    doub N N 151 
DT  P     OP2    sing N N 152 
DT  P     "O5'"  sing N N 153 
DT  OP2   HOP2   sing N N 154 
DT  "O5'" "C5'"  sing N N 155 
DT  "C5'" "C4'"  sing N N 156 
DT  "C5'" "H5'"  sing N N 157 
DT  "C5'" "H5''" sing N N 158 
DT  "C4'" "O4'"  sing N N 159 
DT  "C4'" "C3'"  sing N N 160 
DT  "C4'" "H4'"  sing N N 161 
DT  "O4'" "C1'"  sing N N 162 
DT  "C3'" "O3'"  sing N N 163 
DT  "C3'" "C2'"  sing N N 164 
DT  "C3'" "H3'"  sing N N 165 
DT  "O3'" "HO3'" sing N N 166 
DT  "C2'" "C1'"  sing N N 167 
DT  "C2'" "H2'"  sing N N 168 
DT  "C2'" "H2''" sing N N 169 
DT  "C1'" N1     sing N N 170 
DT  "C1'" "H1'"  sing N N 171 
DT  N1    C2     sing N N 172 
DT  N1    C6     sing N N 173 
DT  C2    O2     doub N N 174 
DT  C2    N3     sing N N 175 
DT  N3    C4     sing N N 176 
DT  N3    H3     sing N N 177 
DT  C4    O4     doub N N 178 
DT  C4    C5     sing N N 179 
DT  C5    C7     sing N N 180 
DT  C5    C6     doub N N 181 
DT  C7    H71    sing N N 182 
DT  C7    H72    sing N N 183 
DT  C7    H73    sing N N 184 
DT  C6    H6     sing N N 185 
G   OP3   P      sing N N 186 
G   OP3   HOP3   sing N N 187 
G   P     OP1    doub N N 188 
G   P     OP2    sing N N 189 
G   P     "O5'"  sing N N 190 
G   OP2   HOP2   sing N N 191 
G   "O5'" "C5'"  sing N N 192 
G   "C5'" "C4'"  sing N N 193 
G   "C5'" "H5'"  sing N N 194 
G   "C5'" "H5''" sing N N 195 
G   "C4'" "O4'"  sing N N 196 
G   "C4'" "C3'"  sing N N 197 
G   "C4'" "H4'"  sing N N 198 
G   "O4'" "C1'"  sing N N 199 
G   "C3'" "O3'"  sing N N 200 
G   "C3'" "C2'"  sing N N 201 
G   "C3'" "H3'"  sing N N 202 
G   "O3'" "HO3'" sing N N 203 
G   "C2'" "O2'"  sing N N 204 
G   "C2'" "C1'"  sing N N 205 
G   "C2'" "H2'"  sing N N 206 
G   "O2'" "HO2'" sing N N 207 
G   "C1'" N9     sing N N 208 
G   "C1'" "H1'"  sing N N 209 
G   N9    C8     sing Y N 210 
G   N9    C4     sing Y N 211 
G   C8    N7     doub Y N 212 
G   C8    H8     sing N N 213 
G   N7    C5     sing Y N 214 
G   C5    C6     sing N N 215 
G   C5    C4     doub Y N 216 
G   C6    O6     doub N N 217 
G   C6    N1     sing N N 218 
G   N1    C2     sing N N 219 
G   N1    H1     sing N N 220 
G   C2    N2     sing N N 221 
G   C2    N3     doub N N 222 
G   N2    H21    sing N N 223 
G   N2    H22    sing N N 224 
G   N3    C4     sing N N 225 
OMC N1    C2     sing N N 226 
OMC N1    C6     sing N N 227 
OMC N1    "C1'"  sing N N 228 
OMC C2    N3     sing N N 229 
OMC C2    O2     doub N N 230 
OMC N3    C4     doub N N 231 
OMC C4    C5     sing N N 232 
OMC C4    N4     sing N N 233 
OMC C5    C6     doub N N 234 
OMC C5    H5     sing N N 235 
OMC C6    H6     sing N N 236 
OMC N4    HN41   sing N N 237 
OMC N4    HN42   sing N N 238 
OMC "C1'" "C2'"  sing N N 239 
OMC "C1'" "O4'"  sing N N 240 
OMC "C1'" "H1'"  sing N N 241 
OMC "C2'" "O2'"  sing N N 242 
OMC "C2'" "C3'"  sing N N 243 
OMC "C2'" "H2'"  sing N N 244 
OMC "O2'" CM2    sing N N 245 
OMC CM2   HM21   sing N N 246 
OMC CM2   HM22   sing N N 247 
OMC CM2   HM23   sing N N 248 
OMC "C3'" "C4'"  sing N N 249 
OMC "C3'" "O3'"  sing N N 250 
OMC "C3'" "H3'"  sing N N 251 
OMC "C4'" "O4'"  sing N N 252 
OMC "C4'" "C5'"  sing N N 253 
OMC "C4'" "H4'"  sing N N 254 
OMC "O3'" "HO3'" sing N N 255 
OMC "C5'" "O5'"  sing N N 256 
OMC "C5'" "H5'"  sing N N 257 
OMC "C5'" "H5''" sing N N 258 
OMC "O5'" P      sing N N 259 
OMC P     OP1    doub N N 260 
OMC P     OP2    sing N N 261 
OMC P     OP3    sing N N 262 
OMC OP2   HOP2   sing N N 263 
OMC OP3   HOP3   sing N N 264 
OMG P     OP1    doub N N 265 
OMG P     OP2    sing N N 266 
OMG P     OP3    sing N N 267 
OMG P     "O5'"  sing N N 268 
OMG OP2   HOP2   sing N N 269 
OMG OP3   HOP3   sing N N 270 
OMG "O5'" "C5'"  sing N N 271 
OMG "C5'" "C4'"  sing N N 272 
OMG "C5'" "H5'"  sing N N 273 
OMG "C5'" "H5''" sing N N 274 
OMG "C4'" "O4'"  sing N N 275 
OMG "C4'" "C3'"  sing N N 276 
OMG "C4'" "H4'"  sing N N 277 
OMG "O4'" "C1'"  sing N N 278 
OMG "C3'" "O3'"  sing N N 279 
OMG "C3'" "C2'"  sing N N 280 
OMG "C3'" "H3'"  sing N N 281 
OMG "O3'" "HO3'" sing N N 282 
OMG "C2'" "O2'"  sing N N 283 
OMG "C2'" "C1'"  sing N N 284 
OMG "C2'" "H2'"  sing N N 285 
OMG "O2'" CM2    sing N N 286 
OMG CM2   HM21   sing N N 287 
OMG CM2   HM22   sing N N 288 
OMG CM2   HM23   sing N N 289 
OMG "C1'" N9     sing N N 290 
OMG "C1'" "H1'"  sing N N 291 
OMG N9    C8     sing Y N 292 
OMG N9    C4     sing Y N 293 
OMG C8    N7     doub Y N 294 
OMG C8    H8     sing N N 295 
OMG N7    C5     sing Y N 296 
OMG C5    C6     sing N N 297 
OMG C5    C4     doub Y N 298 
OMG C6    O6     doub N N 299 
OMG C6    N1     sing N N 300 
OMG N1    C2     sing N N 301 
OMG N1    HN1    sing N N 302 
OMG C2    N2     sing N N 303 
OMG C2    N3     doub N N 304 
OMG N2    HN21   sing N N 305 
OMG N2    HN22   sing N N 306 
OMG N3    C4     sing N N 307 
OMU N1    C2     sing N N 308 
OMU N1    C6     sing N N 309 
OMU N1    "C1'"  sing N N 310 
OMU C2    N3     sing N N 311 
OMU C2    O2     doub N N 312 
OMU N3    C4     sing N N 313 
OMU N3    HN3    sing N N 314 
OMU C4    C5     sing N N 315 
OMU C4    O4     doub N N 316 
OMU C5    C6     doub N N 317 
OMU C5    H5     sing N N 318 
OMU C6    H6     sing N N 319 
OMU "C1'" "C2'"  sing N N 320 
OMU "C1'" "O4'"  sing N N 321 
OMU "C1'" "H1'"  sing N N 322 
OMU "C2'" "O2'"  sing N N 323 
OMU "C2'" "C3'"  sing N N 324 
OMU "C2'" "H2'"  sing N N 325 
OMU "O2'" CM2    sing N N 326 
OMU CM2   HM21   sing N N 327 
OMU CM2   HM22   sing N N 328 
OMU CM2   HM23   sing N N 329 
OMU "C3'" "C4'"  sing N N 330 
OMU "C3'" "O3'"  sing N N 331 
OMU "C3'" "H3'"  sing N N 332 
OMU "C4'" "O4'"  sing N N 333 
OMU "C4'" "C5'"  sing N N 334 
OMU "C4'" "H4'"  sing N N 335 
OMU "O3'" "HO3'" sing N N 336 
OMU "C5'" "O5'"  sing N N 337 
OMU "C5'" "H5'"  sing N N 338 
OMU "C5'" "H5''" sing N N 339 
OMU "O5'" P      sing N N 340 
OMU P     OP1    doub N N 341 
OMU P     OP2    sing N N 342 
OMU P     OP3    sing N N 343 
OMU OP2   HOP2   sing N N 344 
OMU OP3   HOP3   sing N N 345 
U   OP3   P      sing N N 346 
U   OP3   HOP3   sing N N 347 
U   P     OP1    doub N N 348 
U   P     OP2    sing N N 349 
U   P     "O5'"  sing N N 350 
U   OP2   HOP2   sing N N 351 
U   "O5'" "C5'"  sing N N 352 
U   "C5'" "C4'"  sing N N 353 
U   "C5'" "H5'"  sing N N 354 
U   "C5'" "H5''" sing N N 355 
U   "C4'" "O4'"  sing N N 356 
U   "C4'" "C3'"  sing N N 357 
U   "C4'" "H4'"  sing N N 358 
U   "O4'" "C1'"  sing N N 359 
U   "C3'" "O3'"  sing N N 360 
U   "C3'" "C2'"  sing N N 361 
U   "C3'" "H3'"  sing N N 362 
U   "O3'" "HO3'" sing N N 363 
U   "C2'" "O2'"  sing N N 364 
U   "C2'" "C1'"  sing N N 365 
U   "C2'" "H2'"  sing N N 366 
U   "O2'" "HO2'" sing N N 367 
U   "C1'" N1     sing N N 368 
U   "C1'" "H1'"  sing N N 369 
U   N1    C2     sing N N 370 
U   N1    C6     sing N N 371 
U   C2    O2     doub N N 372 
U   C2    N3     sing N N 373 
U   N3    C4     sing N N 374 
U   N3    H3     sing N N 375 
U   C4    O4     doub N N 376 
U   C4    C5     sing N N 377 
U   C5    C6     doub N N 378 
U   C5    H5     sing N N 379 
U   C6    H6     sing N N 380 
# 
loop_
_ndb_struct_conf_na.entry_id 
_ndb_struct_conf_na.feature 
1NAO 'double helix'        
1NAO 'a-form double helix' 
# 
loop_
_ndb_struct_na_base_pair.model_number 
_ndb_struct_na_base_pair.i_label_asym_id 
_ndb_struct_na_base_pair.i_label_comp_id 
_ndb_struct_na_base_pair.i_label_seq_id 
_ndb_struct_na_base_pair.i_symmetry 
_ndb_struct_na_base_pair.j_label_asym_id 
_ndb_struct_na_base_pair.j_label_comp_id 
_ndb_struct_na_base_pair.j_label_seq_id 
_ndb_struct_na_base_pair.j_symmetry 
_ndb_struct_na_base_pair.shear 
_ndb_struct_na_base_pair.stretch 
_ndb_struct_na_base_pair.stagger 
_ndb_struct_na_base_pair.buckle 
_ndb_struct_na_base_pair.propeller 
_ndb_struct_na_base_pair.opening 
_ndb_struct_na_base_pair.pair_number 
_ndb_struct_na_base_pair.pair_name 
_ndb_struct_na_base_pair.i_auth_asym_id 
_ndb_struct_na_base_pair.i_auth_seq_id 
_ndb_struct_na_base_pair.i_PDB_ins_code 
_ndb_struct_na_base_pair.j_auth_asym_id 
_ndb_struct_na_base_pair.j_auth_seq_id 
_ndb_struct_na_base_pair.j_PDB_ins_code 
_ndb_struct_na_base_pair.hbond_type_28 
_ndb_struct_na_base_pair.hbond_type_12 
1 A G 1 1_555 B OMC 9 1_555 -0.633 -0.327 -0.094 -2.528 0.759   0.259   1 A_G1:OMC18_B A 1 ? B 18 ? 19 1 
1 A G 2 1_555 B OMC 8 1_555 -0.895 -0.376 0.036  -1.293 -12.662 2.598   2 A_G2:OMC17_B A 2 ? B 17 ? 19 1 
1 A A 3 1_555 B DT  7 1_555 -0.219 -0.212 -0.326 0.589  0.971   -3.118  3 A_A3:DT16_B  A 3 ? B 16 ? 20 1 
1 A G 4 1_555 B DC  6 1_555 -0.360 -0.267 0.149  2.800  -5.671  -0.586  4 A_G4:DC15_B  A 4 ? B 15 ? 19 1 
1 A A 5 1_555 B DT  5 1_555 0.057  -0.123 -0.170 -5.205 -5.529  -3.545  5 A_A5:DT14_B  A 5 ? B 14 ? 20 1 
1 A U 6 1_555 B DA  4 1_555 0.581  -0.276 -0.225 8.351  -6.664  -0.610  6 A_U6:DA13_B  A 6 ? B 13 ? 20 1 
1 A G 7 1_555 B OMC 3 1_555 -1.023 -0.395 -0.543 -6.473 -8.654  6.064   7 A_G7:OMC12_B A 7 ? B 12 ? 19 1 
1 A A 8 1_555 B OMU 2 1_555 1.480  -0.158 -0.061 2.847  -4.469  -14.621 8 A_A8:OMU11_B A 8 ? B 11 ? 20 1 
1 A C 9 1_555 B OMG 1 1_555 0.684  -0.140 -0.274 6.487  0.254   2.063   9 A_C9:OMG10_B A 9 ? B 10 ? 19 1 
# 
loop_
_ndb_struct_na_base_pair_step.model_number 
_ndb_struct_na_base_pair_step.i_label_asym_id_1 
_ndb_struct_na_base_pair_step.i_label_comp_id_1 
_ndb_struct_na_base_pair_step.i_label_seq_id_1 
_ndb_struct_na_base_pair_step.i_symmetry_1 
_ndb_struct_na_base_pair_step.j_label_asym_id_1 
_ndb_struct_na_base_pair_step.j_label_comp_id_1 
_ndb_struct_na_base_pair_step.j_label_seq_id_1 
_ndb_struct_na_base_pair_step.j_symmetry_1 
_ndb_struct_na_base_pair_step.i_label_asym_id_2 
_ndb_struct_na_base_pair_step.i_label_comp_id_2 
_ndb_struct_na_base_pair_step.i_label_seq_id_2 
_ndb_struct_na_base_pair_step.i_symmetry_2 
_ndb_struct_na_base_pair_step.j_label_asym_id_2 
_ndb_struct_na_base_pair_step.j_label_comp_id_2 
_ndb_struct_na_base_pair_step.j_label_seq_id_2 
_ndb_struct_na_base_pair_step.j_symmetry_2 
_ndb_struct_na_base_pair_step.shift 
_ndb_struct_na_base_pair_step.slide 
_ndb_struct_na_base_pair_step.rise 
_ndb_struct_na_base_pair_step.tilt 
_ndb_struct_na_base_pair_step.roll 
_ndb_struct_na_base_pair_step.twist 
_ndb_struct_na_base_pair_step.x_displacement 
_ndb_struct_na_base_pair_step.y_displacement 
_ndb_struct_na_base_pair_step.helical_rise 
_ndb_struct_na_base_pair_step.inclination 
_ndb_struct_na_base_pair_step.tip 
_ndb_struct_na_base_pair_step.helical_twist 
_ndb_struct_na_base_pair_step.step_number 
_ndb_struct_na_base_pair_step.step_name 
_ndb_struct_na_base_pair_step.i_auth_asym_id_1 
_ndb_struct_na_base_pair_step.i_auth_seq_id_1 
_ndb_struct_na_base_pair_step.i_PDB_ins_code_1 
_ndb_struct_na_base_pair_step.j_auth_asym_id_1 
_ndb_struct_na_base_pair_step.j_auth_seq_id_1 
_ndb_struct_na_base_pair_step.j_PDB_ins_code_1 
_ndb_struct_na_base_pair_step.i_auth_asym_id_2 
_ndb_struct_na_base_pair_step.i_auth_seq_id_2 
_ndb_struct_na_base_pair_step.i_PDB_ins_code_2 
_ndb_struct_na_base_pair_step.j_auth_asym_id_2 
_ndb_struct_na_base_pair_step.j_auth_seq_id_2 
_ndb_struct_na_base_pair_step.j_PDB_ins_code_2 
1 A G 1 1_555 B OMC 9 1_555 A G 2 1_555 B OMC 8 1_555 -1.260 -0.522 3.528 -5.407 -3.227  41.028 -0.356 1.141  3.687 -4.571  7.660  
41.487 1 AA_G1G2:OMC17OMC18_BB A 1 ? B 18 ? A 2 ? B 17 ? 
1 A G 2 1_555 B OMC 8 1_555 A A 3 1_555 B DT  7 1_555 -1.237 0.190  4.061 -2.496 -16.207 37.995 2.449  1.419  3.752 -23.597 3.634  
41.262 2 AA_G2A3:DT16OMC17_BB  A 2 ? B 17 ? A 3 ? B 16 ? 
1 A A 3 1_555 B DT  7 1_555 A G 4 1_555 B DC  6 1_555 0.470  0.080  4.092 0.615  9.606   28.877 -2.271 -0.740 3.925 18.620  -1.191 
30.406 3 AA_A3G4:DC15DT16_BB   A 3 ? B 16 ? A 4 ? B 15 ? 
1 A G 4 1_555 B DC  6 1_555 A A 5 1_555 B DT  5 1_555 -1.454 0.118  3.812 -3.769 23.815  36.588 -2.620 1.519  3.406 33.810  5.352  
43.590 4 AA_G4A5:DT14DC15_BB   A 4 ? B 15 ? A 5 ? B 14 ? 
1 A A 5 1_555 B DT  5 1_555 A U 6 1_555 B DA  4 1_555 0.753  -1.575 2.851 -1.179 -1.778  26.967 -2.969 -1.874 2.911 -3.806  2.523  
27.049 5 AA_A5U6:DA13DT14_BB   A 5 ? B 14 ? A 6 ? B 13 ? 
1 A U 6 1_555 B DA  4 1_555 A G 7 1_555 B OMC 3 1_555 0.815  -1.759 3.473 -2.073 20.254  30.293 -5.370 -1.568 1.906 34.320  3.512  
36.366 6 AA_U6G7:OMC12DA13_BB  A 6 ? B 13 ? A 7 ? B 12 ? 
1 A G 7 1_555 B OMC 3 1_555 A A 8 1_555 B OMU 2 1_555 -2.589 -0.567 3.018 -2.905 2.929   44.361 -1.002 3.164  3.132 3.869   3.838  
44.543 7 AA_G7A8:OMU11OMC12_BB A 7 ? B 12 ? A 8 ? B 11 ? 
1 A A 8 1_555 B OMU 2 1_555 A C 9 1_555 B OMG 1 1_555 2.319  -2.049 3.219 3.660  -3.693  28.126 -3.252 -3.808 3.717 -7.517  -7.450 
28.593 8 AA_A8C9:OMG10OMU11_BB A 8 ? B 11 ? A 9 ? B 10 ? 
# 
_pdbx_nmr_spectrometer.spectrometer_id   1 
_pdbx_nmr_spectrometer.model             AMX600 
_pdbx_nmr_spectrometer.manufacturer      Bruker 
_pdbx_nmr_spectrometer.field_strength    600 
_pdbx_nmr_spectrometer.type              ? 
# 
_atom_sites.entry_id                    1NAO 
_atom_sites.fract_transf_matrix[1][1]   1.000000 
_atom_sites.fract_transf_matrix[1][2]   0.000000 
_atom_sites.fract_transf_matrix[1][3]   0.000000 
_atom_sites.fract_transf_matrix[2][1]   0.000000 
_atom_sites.fract_transf_matrix[2][2]   1.000000 
_atom_sites.fract_transf_matrix[2][3]   0.000000 
_atom_sites.fract_transf_matrix[3][1]   0.000000 
_atom_sites.fract_transf_matrix[3][2]   0.000000 
_atom_sites.fract_transf_matrix[3][3]   1.000000 
_atom_sites.fract_transf_vector[1]      0.00000 
_atom_sites.fract_transf_vector[2]      0.00000 
_atom_sites.fract_transf_vector[3]      0.00000 
# 
loop_
_atom_type.symbol 
C 
N 
O 
P 
# 
loop_
_atom_site.group_PDB 
_atom_site.id 
_atom_site.type_symbol 
_atom_site.label_atom_id 
_atom_site.label_alt_id 
_atom_site.label_comp_id 
_atom_site.label_asym_id 
_atom_site.label_entity_id 
_atom_site.label_seq_id 
_atom_site.pdbx_PDB_ins_code 
_atom_site.Cartn_x 
_atom_site.Cartn_y 
_atom_site.Cartn_z 
_atom_site.occupancy 
_atom_site.B_iso_or_equiv 
_atom_site.pdbx_formal_charge 
_atom_site.auth_seq_id 
_atom_site.auth_comp_id 
_atom_site.auth_asym_id 
_atom_site.auth_atom_id 
_atom_site.pdbx_PDB_model_num 
ATOM   1   O "O5'" . G   A 1 1 ? -3.934  6.206   11.498  1.00 0.00 ? 1  G   A "O5'" 1 
ATOM   2   C "C5'" . G   A 1 1 ? -5.302  6.602   11.375  1.00 0.00 ? 1  G   A "C5'" 1 
ATOM   3   C "C4'" . G   A 1 1 ? -5.449  7.834   10.492  1.00 0.00 ? 1  G   A "C4'" 1 
ATOM   4   O "O4'" . G   A 1 1 ? -4.708  8.948   11.030  1.00 0.00 ? 1  G   A "O4'" 1 
ATOM   5   C "C3'" . G   A 1 1 ? -4.928  7.568   9.091   1.00 0.00 ? 1  G   A "C3'" 1 
ATOM   6   O "O3'" . G   A 1 1 ? -6.013  7.370   8.177   1.00 0.00 ? 1  G   A "O3'" 1 
ATOM   7   C "C2'" . G   A 1 1 ? -4.119  8.785   8.721   1.00 0.00 ? 1  G   A "C2'" 1 
ATOM   8   O "O2'" . G   A 1 1 ? -4.730  9.519   7.659   1.00 0.00 ? 1  G   A "O2'" 1 
ATOM   9   C "C1'" . G   A 1 1 ? -4.018  9.627   9.960   1.00 0.00 ? 1  G   A "C1'" 1 
ATOM   10  N N9    . G   A 1 1 ? -2.601  9.856   10.273  1.00 0.00 ? 1  G   A N9    1 
ATOM   11  C C8    . G   A 1 1 ? -1.892  9.578   11.393  1.00 0.00 ? 1  G   A C8    1 
ATOM   12  N N7    . G   A 1 1 ? -0.633  9.867   11.389  1.00 0.00 ? 1  G   A N7    1 
ATOM   13  C C5    . G   A 1 1 ? -0.470  10.405  10.107  1.00 0.00 ? 1  G   A C5    1 
ATOM   14  C C6    . G   A 1 1 ? 0.692   10.917  9.474   1.00 0.00 ? 1  G   A C6    1 
ATOM   15  O O6    . G   A 1 1 ? 1.831   11.006  9.920   1.00 0.00 ? 1  G   A O6    1 
ATOM   16  N N1    . G   A 1 1 ? 0.418   11.355  8.189   1.00 0.00 ? 1  G   A N1    1 
ATOM   17  C C2    . G   A 1 1 ? -0.815  11.313  7.579   1.00 0.00 ? 1  G   A C2    1 
ATOM   18  N N2    . G   A 1 1 ? -0.873  11.783  6.340   1.00 0.00 ? 1  G   A N2    1 
ATOM   19  N N3    . G   A 1 1 ? -1.913  10.836  8.162   1.00 0.00 ? 1  G   A N3    1 
ATOM   20  C C4    . G   A 1 1 ? -1.672  10.400  9.421   1.00 0.00 ? 1  G   A C4    1 
ATOM   21  P P     . G   A 1 2 ? -5.867  6.353   6.937   1.00 0.00 ? 2  G   A P     1 
ATOM   22  O OP1   . G   A 1 2 ? -7.200  5.777   6.660   1.00 0.00 ? 2  G   A OP1   1 
ATOM   23  O OP2   . G   A 1 2 ? -4.719  5.459   7.209   1.00 0.00 ? 2  G   A OP2   1 
ATOM   24  O "O5'" . G   A 1 2 ? -5.469  7.324   5.713   1.00 0.00 ? 2  G   A "O5'" 1 
ATOM   25  C "C5'" . G   A 1 2 ? -6.469  8.053   4.988   1.00 0.00 ? 2  G   A "C5'" 1 
ATOM   26  C "C4'" . G   A 1 2 ? -5.856  8.847   3.830   1.00 0.00 ? 2  G   A "C4'" 1 
ATOM   27  O "O4'" . G   A 1 2 ? -4.829  9.729   4.320   1.00 0.00 ? 2  G   A "O4'" 1 
ATOM   28  C "C3'" . G   A 1 2 ? -5.229  7.924   2.790   1.00 0.00 ? 2  G   A "C3'" 1 
ATOM   29  O "O3'" . G   A 1 2 ? -5.969  7.952   1.556   1.00 0.00 ? 2  G   A "O3'" 1 
ATOM   30  C "C2'" . G   A 1 2 ? -3.818  8.423   2.590   1.00 0.00 ? 2  G   A "C2'" 1 
ATOM   31  O "O2'" . G   A 1 2 ? -3.645  9.025   1.302   1.00 0.00 ? 2  G   A "O2'" 1 
ATOM   32  C "C1'" . G   A 1 2 ? -3.573  9.441   3.676   1.00 0.00 ? 2  G   A "C1'" 1 
ATOM   33  N N9    . G   A 1 2 ? -2.594  8.921   4.642   1.00 0.00 ? 2  G   A N9    1 
ATOM   34  C C8    . G   A 1 2 ? -2.805  8.245   5.788   1.00 0.00 ? 2  G   A C8    1 
ATOM   35  N N7    . G   A 1 2 ? -1.772  7.946   6.508   1.00 0.00 ? 2  G   A N7    1 
ATOM   36  C C5    . G   A 1 2 ? -0.731  8.482   5.740   1.00 0.00 ? 2  G   A C5    1 
ATOM   37  C C6    . G   A 1 2 ? 0.672   8.490   5.973   1.00 0.00 ? 2  G   A C6    1 
ATOM   38  O O6    . G   A 1 2 ? 1.293   8.049   6.938   1.00 0.00 ? 2  G   A O6    1 
ATOM   39  N N1    . G   A 1 2 ? 1.352   9.122   4.942   1.00 0.00 ? 2  G   A N1    1 
ATOM   40  C C2    . G   A 1 2 ? 0.764   9.680   3.828   1.00 0.00 ? 2  G   A C2    1 
ATOM   41  N N2    . G   A 1 2 ? 1.580   10.200  2.922   1.00 0.00 ? 2  G   A N2    1 
ATOM   42  N N3    . G   A 1 2 ? -0.545  9.686   3.606   1.00 0.00 ? 2  G   A N3    1 
ATOM   43  C C4    . G   A 1 2 ? -1.232  9.075   4.592   1.00 0.00 ? 2  G   A C4    1 
ATOM   44  P P     . A   A 1 3 ? -5.757  6.810   0.434   1.00 0.00 ? 3  A   A P     1 
ATOM   45  O OP1   . A   A 1 3 ? -6.909  6.850   -0.495  1.00 0.00 ? 3  A   A OP1   1 
ATOM   46  O OP2   . A   A 1 3 ? -5.412  5.547   1.125   1.00 0.00 ? 3  A   A OP2   1 
ATOM   47  O "O5'" . A   A 1 3 ? -4.447  7.323   -0.362  1.00 0.00 ? 3  A   A "O5'" 1 
ATOM   48  C "C5'" . A   A 1 3 ? -4.543  8.388   -1.318  1.00 0.00 ? 3  A   A "C5'" 1 
ATOM   49  C "C4'" . A   A 1 3 ? -3.191  8.734   -1.948  1.00 0.00 ? 3  A   A "C4'" 1 
ATOM   50  O "O4'" . A   A 1 3 ? -2.274  9.305   -0.987  1.00 0.00 ? 3  A   A "O4'" 1 
ATOM   51  C "C3'" . A   A 1 3 ? -2.513  7.503   -2.523  1.00 0.00 ? 3  A   A "C3'" 1 
ATOM   52  O "O3'" . A   A 1 3 ? -2.857  7.318   -3.904  1.00 0.00 ? 3  A   A "O3'" 1 
ATOM   53  C "C2'" . A   A 1 3 ? -1.046  7.782   -2.330  1.00 0.00 ? 3  A   A "C2'" 1 
ATOM   54  O "O2'" . A   A 1 3 ? -0.501  8.490   -3.449  1.00 0.00 ? 3  A   A "O2'" 1 
ATOM   55  C "C1'" . A   A 1 3 ? -1.004  8.620   -1.084  1.00 0.00 ? 3  A   A "C1'" 1 
ATOM   56  N N9    . A   A 1 3 ? -0.795  7.768   0.097   1.00 0.00 ? 3  A   A N9    1 
ATOM   57  C C8    . A   A 1 3 ? -1.707  7.058   0.804   1.00 0.00 ? 3  A   A C8    1 
ATOM   58  N N7    . A   A 1 3 ? -1.277  6.340   1.783   1.00 0.00 ? 3  A   A N7    1 
ATOM   59  C C5    . A   A 1 3 ? 0.098   6.592   1.735   1.00 0.00 ? 3  A   A C5    1 
ATOM   60  C C6    . A   A 1 3 ? 1.169   6.133   2.507   1.00 0.00 ? 3  A   A C6    1 
ATOM   61  N N6    . A   A 1 3 ? 1.021   5.277   3.515   1.00 0.00 ? 3  A   A N6    1 
ATOM   62  N N1    . A   A 1 3 ? 2.398   6.576   2.193   1.00 0.00 ? 3  A   A N1    1 
ATOM   63  C C2    . A   A 1 3 ? 2.569   7.424   1.176   1.00 0.00 ? 3  A   A C2    1 
ATOM   64  N N3    . A   A 1 3 ? 1.626   7.923   0.376   1.00 0.00 ? 3  A   A N3    1 
ATOM   65  C C4    . A   A 1 3 ? 0.402   7.462   0.714   1.00 0.00 ? 3  A   A C4    1 
ATOM   66  P P     . G   A 1 4 ? -3.083  5.844   -4.516  1.00 0.00 ? 4  G   A P     1 
ATOM   67  O OP1   . G   A 1 4 ? -4.094  5.941   -5.592  1.00 0.00 ? 4  G   A OP1   1 
ATOM   68  O OP2   . G   A 1 4 ? -3.286  4.894   -3.397  1.00 0.00 ? 4  G   A OP2   1 
ATOM   69  O "O5'" . G   A 1 4 ? -1.653  5.529   -5.186  1.00 0.00 ? 4  G   A "O5'" 1 
ATOM   70  C "C5'" . G   A 1 4 ? -1.063  6.445   -6.119  1.00 0.00 ? 4  G   A "C5'" 1 
ATOM   71  C "C4'" . G   A 1 4 ? 0.455   6.313   -6.146  1.00 0.00 ? 4  G   A "C4'" 1 
ATOM   72  O "O4'" . G   A 1 4 ? 1.006   6.549   -4.832  1.00 0.00 ? 4  G   A "O4'" 1 
ATOM   73  C "C3'" . G   A 1 4 ? 0.873   4.916   -6.577  1.00 0.00 ? 4  G   A "C3'" 1 
ATOM   74  O "O3'" . G   A 1 4 ? 1.344   4.900   -7.937  1.00 0.00 ? 4  G   A "O3'" 1 
ATOM   75  C "C2'" . G   A 1 4 ? 1.947   4.508   -5.614  1.00 0.00 ? 4  G   A "C2'" 1 
ATOM   76  O "O2'" . G   A 1 4 ? 3.249   4.595   -6.207  1.00 0.00 ? 4  G   A "O2'" 1 
ATOM   77  C "C1'" . G   A 1 4 ? 1.829   5.428   -4.441  1.00 0.00 ? 4  G   A "C1'" 1 
ATOM   78  N N9    . G   A 1 4 ? 1.254   4.691   -3.301  1.00 0.00 ? 4  G   A N9    1 
ATOM   79  C C8    . G   A 1 4 ? -0.038  4.404   -3.024  1.00 0.00 ? 4  G   A C8    1 
ATOM   80  N N7    . G   A 1 4 ? -0.284  3.714   -1.957  1.00 0.00 ? 4  G   A N7    1 
ATOM   81  C C5    . G   A 1 4 ? 1.005   3.502   -1.453  1.00 0.00 ? 4  G   A C5    1 
ATOM   82  C C6    . G   A 1 4 ? 1.431   2.799   -0.290  1.00 0.00 ? 4  G   A C6    1 
ATOM   83  O O6    . G   A 1 4 ? 0.746   2.231   0.559   1.00 0.00 ? 4  G   A O6    1 
ATOM   84  N N1    . G   A 1 4 ? 2.813   2.821   -0.161  1.00 0.00 ? 4  G   A N1    1 
ATOM   85  C C2    . G   A 1 4 ? 3.683   3.439   -1.034  1.00 0.00 ? 4  G   A C2    1 
ATOM   86  N N2    . G   A 1 4 ? 4.978   3.342   -0.748  1.00 0.00 ? 4  G   A N2    1 
ATOM   87  N N3    . G   A 1 4 ? 3.294   4.103   -2.123  1.00 0.00 ? 4  G   A N3    1 
ATOM   88  C C4    . G   A 1 4 ? 1.951   4.096   -2.274  1.00 0.00 ? 4  G   A C4    1 
ATOM   89  P P     . A   A 1 5 ? 1.478   3.514   -8.760  1.00 0.00 ? 5  A   A P     1 
ATOM   90  O OP1   . A   A 1 5 ? 1.514   3.835   -10.205 1.00 0.00 ? 5  A   A OP1   1 
ATOM   91  O OP2   . A   A 1 5 ? 0.463   2.571   -8.244  1.00 0.00 ? 5  A   A OP2   1 
ATOM   92  O "O5'" . A   A 1 5 ? 2.937   2.972   -8.321  1.00 0.00 ? 5  A   A "O5'" 1 
ATOM   93  C "C5'" . A   A 1 5 ? 4.105   3.255   -9.105  1.00 0.00 ? 5  A   A "C5'" 1 
ATOM   94  C "C4'" . A   A 1 5 ? 5.305   2.398   -8.681  1.00 0.00 ? 5  A   A "C4'" 1 
ATOM   95  O "O4'" . A   A 1 5 ? 5.624   2.597   -7.281  1.00 0.00 ? 5  A   A "O4'" 1 
ATOM   96  C "C3'" . A   A 1 5 ? 5.021   0.912   -8.857  1.00 0.00 ? 5  A   A "C3'" 1 
ATOM   97  O "O3'" . A   A 1 5 ? 5.561   0.393   -10.078 1.00 0.00 ? 5  A   A "O3'" 1 
ATOM   98  C "C2'" . A   A 1 5 ? 5.662   0.268   -7.658  1.00 0.00 ? 5  A   A "C2'" 1 
ATOM   99  O "O2'" . A   A 1 5 ? 7.012   -0.118  -7.933  1.00 0.00 ? 5  A   A "O2'" 1 
ATOM   100 C "C1'" . A   A 1 5 ? 5.632   1.316   -6.605  1.00 0.00 ? 5  A   A "C1'" 1 
ATOM   101 N N9    . A   A 1 5 ? 4.438   1.165   -5.750  1.00 0.00 ? 5  A   A N9    1 
ATOM   102 C C8    . A   A 1 5 ? 3.240   1.759   -5.880  1.00 0.00 ? 5  A   A C8    1 
ATOM   103 N N7    . A   A 1 5 ? 2.361   1.559   -4.959  1.00 0.00 ? 5  A   A N7    1 
ATOM   104 C C5    . A   A 1 5 ? 3.053   0.709   -4.095  1.00 0.00 ? 5  A   A C5    1 
ATOM   105 C C6    . A   A 1 5 ? 2.699   0.100   -2.890  1.00 0.00 ? 5  A   A C6    1 
ATOM   106 N N6    . A   A 1 5 ? 1.524   0.299   -2.299  1.00 0.00 ? 5  A   A N6    1 
ATOM   107 N N1    . A   A 1 5 ? 3.611   -0.691  -2.301  1.00 0.00 ? 5  A   A N1    1 
ATOM   108 C C2    . A   A 1 5 ? 4.810   -0.869  -2.862  1.00 0.00 ? 5  A   A C2    1 
ATOM   109 N N3    . A   A 1 5 ? 5.256   -0.330  -3.997  1.00 0.00 ? 5  A   A N3    1 
ATOM   110 C C4    . A   A 1 5 ? 4.319   0.455   -4.569  1.00 0.00 ? 5  A   A C4    1 
ATOM   111 P P     . U   A 1 6 ? 5.020   -1.010  -10.664 1.00 0.00 ? 6  U   A P     1 
ATOM   112 O OP1   . U   A 1 6 ? 5.986   -1.491  -11.679 1.00 0.00 ? 6  U   A OP1   1 
ATOM   113 O OP2   . U   A 1 6 ? 3.595   -0.844  -11.024 1.00 0.00 ? 6  U   A OP2   1 
ATOM   114 O "O5'" . U   A 1 6 ? 5.102   -1.988  -9.380  1.00 0.00 ? 6  U   A "O5'" 1 
ATOM   115 C "C5'" . U   A 1 6 ? 6.373   -2.436  -8.895  1.00 0.00 ? 6  U   A "C5'" 1 
ATOM   116 C "C4'" . U   A 1 6 ? 6.276   -3.159  -7.545  1.00 0.00 ? 6  U   A "C4'" 1 
ATOM   117 O "O4'" . U   A 1 6 ? 5.655   -2.357  -6.514  1.00 0.00 ? 6  U   A "O4'" 1 
ATOM   118 C "C3'" . U   A 1 6 ? 5.440   -4.414  -7.646  1.00 0.00 ? 6  U   A "C3'" 1 
ATOM   119 O "O3'" . U   A 1 6 ? 6.218   -5.561  -8.000  1.00 0.00 ? 6  U   A "O3'" 1 
ATOM   120 C "C2'" . U   A 1 6 ? 4.807   -4.566  -6.312  1.00 0.00 ? 6  U   A "C2'" 1 
ATOM   121 O "O2'" . U   A 1 6 ? 5.390   -5.608  -5.538  1.00 0.00 ? 6  U   A "O2'" 1 
ATOM   122 C "C1'" . U   A 1 6 ? 4.947   -3.254  -5.617  1.00 0.00 ? 6  U   A "C1'" 1 
ATOM   123 N N1    . U   A 1 6 ? 3.607   -2.778  -5.253  1.00 0.00 ? 6  U   A N1    1 
ATOM   124 C C2    . U   A 1 6 ? 3.118   -3.152  -4.017  1.00 0.00 ? 6  U   A C2    1 
ATOM   125 O O2    . U   A 1 6 ? 3.788   -3.800  -3.216  1.00 0.00 ? 6  U   A O2    1 
ATOM   126 N N3    . U   A 1 6 ? 1.833   -2.758  -3.730  1.00 0.00 ? 6  U   A N3    1 
ATOM   127 C C4    . U   A 1 6 ? 1.000   -2.025  -4.555  1.00 0.00 ? 6  U   A C4    1 
ATOM   128 O O4    . U   A 1 6 ? -0.136  -1.730  -4.192  1.00 0.00 ? 6  U   A O4    1 
ATOM   129 C C5    . U   A 1 6 ? 1.596   -1.673  -5.827  1.00 0.00 ? 6  U   A C5    1 
ATOM   130 C C6    . U   A 1 6 ? 2.858   -2.062  -6.130  1.00 0.00 ? 6  U   A C6    1 
ATOM   131 P P     . G   A 1 7 ? 5.498   -6.907  -8.521  1.00 0.00 ? 7  G   A P     1 
ATOM   132 O OP1   . G   A 1 7 ? 6.552   -7.858  -8.943  1.00 0.00 ? 7  G   A OP1   1 
ATOM   133 O OP2   . G   A 1 7 ? 4.434   -6.521  -9.476  1.00 0.00 ? 7  G   A OP2   1 
ATOM   134 O "O5'" . G   A 1 7 ? 4.790   -7.489  -7.187  1.00 0.00 ? 7  G   A "O5'" 1 
ATOM   135 C "C5'" . G   A 1 7 ? 5.534   -8.292  -6.255  1.00 0.00 ? 7  G   A "C5'" 1 
ATOM   136 C "C4'" . G   A 1 7 ? 4.672   -8.795  -5.093  1.00 0.00 ? 7  G   A "C4'" 1 
ATOM   137 O "O4'" . G   A 1 7 ? 4.110   -7.707  -4.329  1.00 0.00 ? 7  G   A "O4'" 1 
ATOM   138 C "C3'" . G   A 1 7 ? 3.509   -9.633  -5.588  1.00 0.00 ? 7  G   A "C3'" 1 
ATOM   139 O "O3'" . G   A 1 7 ? 3.815   -11.039 -5.549  1.00 0.00 ? 7  G   A "O3'" 1 
ATOM   140 C "C2'" . G   A 1 7 ? 2.364   -9.298  -4.659  1.00 0.00 ? 7  G   A "C2'" 1 
ATOM   141 O "O2'" . G   A 1 7 ? 2.068   -10.377 -3.771  1.00 0.00 ? 7  G   A "O2'" 1 
ATOM   142 C "C1'" . G   A 1 7 ? 2.791   -8.083  -3.878  1.00 0.00 ? 7  G   A "C1'" 1 
ATOM   143 N N9    . G   A 1 7 ? 1.800   -7.024  -4.087  1.00 0.00 ? 7  G   A N9    1 
ATOM   144 C C8    . G   A 1 7 ? 1.755   -6.037  -5.006  1.00 0.00 ? 7  G   A C8    1 
ATOM   145 N N7    . G   A 1 7 ? 0.726   -5.251  -4.990  1.00 0.00 ? 7  G   A N7    1 
ATOM   146 C C5    . G   A 1 7 ? -0.018  -5.788  -3.929  1.00 0.00 ? 7  G   A C5    1 
ATOM   147 C C6    . G   A 1 7 ? -1.273  -5.392  -3.386  1.00 0.00 ? 7  G   A C6    1 
ATOM   148 O O6    . G   A 1 7 ? -1.991  -4.447  -3.714  1.00 0.00 ? 7  G   A O6    1 
ATOM   149 N N1    . G   A 1 7 ? -1.654  -6.218  -2.334  1.00 0.00 ? 7  G   A N1    1 
ATOM   150 C C2    . G   A 1 7 ? -0.919  -7.289  -1.859  1.00 0.00 ? 7  G   A C2    1 
ATOM   151 N N2    . G   A 1 7 ? -1.437  -7.986  -0.857  1.00 0.00 ? 7  G   A N2    1 
ATOM   152 N N3    . G   A 1 7 ? 0.253   -7.655  -2.356  1.00 0.00 ? 7  G   A N3    1 
ATOM   153 C C4    . G   A 1 7 ? 0.642   -6.872  -3.380  1.00 0.00 ? 7  G   A C4    1 
ATOM   154 P P     . A   A 1 8 ? 2.920   -12.098 -6.380  1.00 0.00 ? 8  A   A P     1 
ATOM   155 O OP1   . A   A 1 8 ? 3.787   -13.237 -6.761  1.00 0.00 ? 8  A   A OP1   1 
ATOM   156 O OP2   . A   A 1 8 ? 2.185   -11.355 -7.427  1.00 0.00 ? 8  A   A OP2   1 
ATOM   157 O "O5'" . A   A 1 8 ? 1.849   -12.621 -5.290  1.00 0.00 ? 8  A   A "O5'" 1 
ATOM   158 C "C5'" . A   A 1 8 ? 2.108   -13.803 -4.518  1.00 0.00 ? 8  A   A "C5'" 1 
ATOM   159 C "C4'" . A   A 1 8 ? 0.943   -14.149 -3.585  1.00 0.00 ? 8  A   A "C4'" 1 
ATOM   160 O "O4'" . A   A 1 8 ? 0.606   -13.025 -2.735  1.00 0.00 ? 8  A   A "O4'" 1 
ATOM   161 C "C3'" . A   A 1 8 ? -0.321  -14.498 -4.359  1.00 0.00 ? 8  A   A "C3'" 1 
ATOM   162 O "O3'" . A   A 1 8 ? -0.480  -15.904 -4.598  1.00 0.00 ? 8  A   A "O3'" 1 
ATOM   163 C "C2'" . A   A 1 8 ? -1.427  -13.969 -3.494  1.00 0.00 ? 8  A   A "C2'" 1 
ATOM   164 O "O2'" . A   A 1 8 ? -1.884  -14.952 -2.560  1.00 0.00 ? 8  A   A "O2'" 1 
ATOM   165 C "C1'" . A   A 1 8 ? -0.828  -12.814 -2.777  1.00 0.00 ? 8  A   A "C1'" 1 
ATOM   166 N N9    . A   A 1 8 ? -1.176  -11.562 -3.472  1.00 0.00 ? 8  A   A N9    1 
ATOM   167 C C8    . A   A 1 8 ? -0.532  -10.933 -4.482  1.00 0.00 ? 8  A   A C8    1 
ATOM   168 N N7    . A   A 1 8 ? -1.054  -9.846  -4.935  1.00 0.00 ? 8  A   A N7    1 
ATOM   169 C C5    . A   A 1 8 ? -2.195  -9.727  -4.133  1.00 0.00 ? 8  A   A C5    1 
ATOM   170 C C6    . A   A 1 8 ? -3.214  -8.779  -4.085  1.00 0.00 ? 8  A   A C6    1 
ATOM   171 N N6    . A   A 1 8 ? -3.245  -7.729  -4.893  1.00 0.00 ? 8  A   A N6    1 
ATOM   172 N N1    . A   A 1 8 ? -4.194  -8.953  -3.173  1.00 0.00 ? 8  A   A N1    1 
ATOM   173 C C2    . A   A 1 8 ? -4.165  -10.007 -2.354  1.00 0.00 ? 8  A   A C2    1 
ATOM   174 N N3    . A   A 1 8 ? -3.245  -10.970 -2.318  1.00 0.00 ? 8  A   A N3    1 
ATOM   175 C C4    . A   A 1 8 ? -2.278  -10.766 -3.240  1.00 0.00 ? 8  A   A C4    1 
ATOM   176 P P     . C   A 1 9 ? -1.496  -16.402 -5.755  1.00 0.00 ? 9  C   A P     1 
ATOM   177 O OP1   . C   A 1 9 ? -1.740  -17.851 -5.576  1.00 0.00 ? 9  C   A OP1   1 
ATOM   178 O OP2   . C   A 1 9 ? -0.999  -15.895 -7.053  1.00 0.00 ? 9  C   A OP2   1 
ATOM   179 O "O5'" . C   A 1 9 ? -2.865  -15.611 -5.400  1.00 0.00 ? 9  C   A "O5'" 1 
ATOM   180 C "C5'" . C   A 1 9 ? -3.624  -15.981 -4.245  1.00 0.00 ? 9  C   A "C5'" 1 
ATOM   181 C "C4'" . C   A 1 9 ? -4.812  -15.046 -3.972  1.00 0.00 ? 9  C   A "C4'" 1 
ATOM   182 O "O4'" . C   A 1 9 ? -4.436  -13.656 -3.846  1.00 0.00 ? 9  C   A "O4'" 1 
ATOM   183 C "C3'" . C   A 1 9 ? -5.843  -15.086 -5.075  1.00 0.00 ? 9  C   A "C3'" 1 
ATOM   184 O "O3'" . C   A 1 9 ? -6.714  -16.218 -4.950  1.00 0.00 ? 9  C   A "O3'" 1 
ATOM   185 C "C2'" . C   A 1 9 ? -6.577  -13.775 -4.906  1.00 0.00 ? 9  C   A "C2'" 1 
ATOM   186 O "O2'" . C   A 1 9 ? -7.674  -13.912 -3.992  1.00 0.00 ? 9  C   A "O2'" 1 
ATOM   187 C "C1'" . C   A 1 9 ? -5.533  -12.834 -4.344  1.00 0.00 ? 9  C   A "C1'" 1 
ATOM   188 N N1    . C   A 1 9 ? -5.080  -11.883 -5.383  1.00 0.00 ? 9  C   A N1    1 
ATOM   189 C C2    . C   A 1 9 ? -5.806  -10.709 -5.532  1.00 0.00 ? 9  C   A C2    1 
ATOM   190 O O2    . C   A 1 9 ? -6.778  -10.488 -4.814  1.00 0.00 ? 9  C   A O2    1 
ATOM   191 N N3    . C   A 1 9 ? -5.414  -9.820  -6.483  1.00 0.00 ? 9  C   A N3    1 
ATOM   192 C C4    . C   A 1 9 ? -4.351  -10.062 -7.260  1.00 0.00 ? 9  C   A C4    1 
ATOM   193 N N4    . C   A 1 9 ? -4.014  -9.162  -8.192  1.00 0.00 ? 9  C   A N4    1 
ATOM   194 C C5    . C   A 1 9 ? -3.591  -11.274 -7.110  1.00 0.00 ? 9  C   A C5    1 
ATOM   195 C C6    . C   A 1 9 ? -3.994  -12.154 -6.167  1.00 0.00 ? 9  C   A C6    1 
HETATM 196 O "O5'" . OMG B 2 1 ? -9.978  -0.692  -7.406  1.00 0.00 ? 10 OMG B "O5'" 1 
HETATM 197 C "C5'" . OMG B 2 1 ? -11.339 -0.598  -6.972  1.00 0.00 ? 10 OMG B "C5'" 1 
HETATM 198 C "C4'" . OMG B 2 1 ? -11.805 -1.873  -6.280  1.00 0.00 ? 10 OMG B "C4'" 1 
HETATM 199 O "O4'" . OMG B 2 1 ? -11.754 -2.999  -7.182  1.00 0.00 ? 10 OMG B "O4'" 1 
HETATM 200 C "C3'" . OMG B 2 1 ? -10.915 -2.213  -5.101  1.00 0.00 ? 10 OMG B "C3'" 1 
HETATM 201 O "O3'" . OMG B 2 1 ? -11.410 -1.685  -3.864  1.00 0.00 ? 10 OMG B "O3'" 1 
HETATM 202 C "C2'" . OMG B 2 1 ? -10.892 -3.723  -5.082  1.00 0.00 ? 10 OMG B "C2'" 1 
HETATM 203 O "O2'" . OMG B 2 1 ? -11.892 -4.254  -4.196  1.00 0.00 ? 10 OMG B "O2'" 1 
HETATM 204 C CM2   . OMG B 2 1 ? -11.732 -5.633  -4.148  1.00 0.00 ? 10 OMG B CM2   1 
HETATM 205 C "C1'" . OMG B 2 1 ? -11.178 -4.138  -6.499  1.00 0.00 ? 10 OMG B "C1'" 1 
HETATM 206 N N9    . OMG B 2 1 ? -9.939  -4.598  -7.156  1.00 0.00 ? 10 OMG B N9    1 
HETATM 207 C C8    . OMG B 2 1 ? -9.257  -4.061  -8.193  1.00 0.00 ? 10 OMG B C8    1 
HETATM 208 N N7    . OMG B 2 1 ? -8.183  -4.666  -8.583  1.00 0.00 ? 10 OMG B N7    1 
HETATM 209 C C5    . OMG B 2 1 ? -8.128  -5.749  -7.700  1.00 0.00 ? 10 OMG B C5    1 
HETATM 210 C C6    . OMG B 2 1 ? -7.177  -6.806  -7.601  1.00 0.00 ? 10 OMG B C6    1 
HETATM 211 O O6    . OMG B 2 1 ? -6.179  -7.009  -8.290  1.00 0.00 ? 10 OMG B O6    1 
HETATM 212 N N1    . OMG B 2 1 ? -7.497  -7.684  -6.576  1.00 0.00 ? 10 OMG B N1    1 
HETATM 213 C C2    . OMG B 2 1 ? -8.591  -7.569  -5.746  1.00 0.00 ? 10 OMG B C2    1 
HETATM 214 N N2    . OMG B 2 1 ? -8.732  -8.507  -4.817  1.00 0.00 ? 10 OMG B N2    1 
HETATM 215 N N3    . OMG B 2 1 ? -9.488  -6.584  -5.831  1.00 0.00 ? 10 OMG B N3    1 
HETATM 216 C C4    . OMG B 2 1 ? -9.200  -5.714  -6.822  1.00 0.00 ? 10 OMG B C4    1 
HETATM 217 N N1    . OMU B 2 2 ? -8.891  -6.792  -1.793  1.00 0.00 ? 11 OMU B N1    1 
HETATM 218 C C2    . OMU B 2 2 ? -7.971  -7.817  -1.639  1.00 0.00 ? 11 OMU B C2    1 
HETATM 219 N N3    . OMU B 2 2 ? -6.834  -7.733  -2.415  1.00 0.00 ? 11 OMU B N3    1 
HETATM 220 C C4    . OMU B 2 2 ? -6.537  -6.732  -3.314  1.00 0.00 ? 11 OMU B C4    1 
HETATM 221 C C5    . OMU B 2 2 ? -7.530  -5.707  -3.415  1.00 0.00 ? 11 OMU B C5    1 
HETATM 222 C C6    . OMU B 2 2 ? -8.669  -5.761  -2.666  1.00 0.00 ? 11 OMU B C6    1 
HETATM 223 O O2    . OMU B 2 2 ? -8.142  -8.738  -0.849  1.00 0.00 ? 11 OMU B O2    1 
HETATM 224 O O4    . OMU B 2 2 ? -5.508  -6.758  -3.956  1.00 0.00 ? 11 OMU B O4    1 
HETATM 225 C "C1'" . OMU B 2 2 ? -10.124 -6.852  -0.972  1.00 0.00 ? 11 OMU B "C1'" 1 
HETATM 226 C "C2'" . OMU B 2 2 ? -9.875  -6.316  0.400   1.00 0.00 ? 11 OMU B "C2'" 1 
HETATM 227 O "O2'" . OMU B 2 2 ? -10.625 -7.051  1.385   1.00 0.00 ? 11 OMU B "O2'" 1 
HETATM 228 C CM2   . OMU B 2 2 ? -9.975  -8.249  1.638   1.00 0.00 ? 11 OMU B CM2   1 
HETATM 229 C "C3'" . OMU B 2 2 ? -10.342 -4.899  0.317   1.00 0.00 ? 11 OMU B "C3'" 1 
HETATM 230 C "C4'" . OMU B 2 2 ? -11.500 -4.979  -0.648  1.00 0.00 ? 11 OMU B "C4'" 1 
HETATM 231 O "O3'" . OMU B 2 2 ? -10.728 -4.375  1.591   1.00 0.00 ? 11 OMU B "O3'" 1 
HETATM 232 O "O4'" . OMU B 2 2 ? -11.189 -6.060  -1.553  1.00 0.00 ? 11 OMU B "O4'" 1 
HETATM 233 C "C5'" . OMU B 2 2 ? -11.717 -3.655  -1.383  1.00 0.00 ? 11 OMU B "C5'" 1 
HETATM 234 O "O5'" . OMU B 2 2 ? -10.529 -3.183  -2.026  1.00 0.00 ? 11 OMU B "O5'" 1 
HETATM 235 P P     . OMU B 2 2 ? -10.455 -1.662  -2.559  1.00 0.00 ? 11 OMU B P     1 
HETATM 236 O OP1   . OMU B 2 2 ? -11.086 -0.785  -1.547  1.00 0.00 ? 11 OMU B OP1   1 
HETATM 237 O OP2   . OMU B 2 2 ? -9.065  -1.395  -3.001  1.00 0.00 ? 11 OMU B OP2   1 
HETATM 238 N N1    . OMC B 2 3 ? -5.697  -5.941  0.030   1.00 0.00 ? 12 OMC B N1    1 
HETATM 239 C C2    . OMC B 2 3 ? -4.615  -6.192  -0.790  1.00 0.00 ? 12 OMC B C2    1 
HETATM 240 N N3    . OMC B 2 3 ? -4.301  -5.285  -1.744  1.00 0.00 ? 12 OMC B N3    1 
HETATM 241 C C4    . OMC B 2 3 ? -5.020  -4.175  -1.895  1.00 0.00 ? 12 OMC B C4    1 
HETATM 242 C C5    . OMC B 2 3 ? -6.143  -3.904  -1.051  1.00 0.00 ? 12 OMC B C5    1 
HETATM 243 C C6    . OMC B 2 3 ? -6.439  -4.810  -0.099  1.00 0.00 ? 12 OMC B C6    1 
HETATM 244 O O2    . OMC B 2 3 ? -3.946  -7.202  -0.628  1.00 0.00 ? 12 OMC B O2    1 
HETATM 245 N N4    . OMC B 2 3 ? -4.685  -3.320  -2.855  1.00 0.00 ? 12 OMC B N4    1 
HETATM 246 C "C1'" . OMC B 2 3 ? -5.981  -6.923  1.088   1.00 0.00 ? 12 OMC B "C1'" 1 
HETATM 247 C "C2'" . OMC B 2 3 ? -5.142  -6.577  2.275   1.00 0.00 ? 12 OMC B "C2'" 1 
HETATM 248 O "O2'" . OMC B 2 3 ? -4.472  -7.732  2.801   1.00 0.00 ? 12 OMC B "O2'" 1 
HETATM 249 C CM2   . OMC B 2 3 ? -3.341  -7.948  2.038   1.00 0.00 ? 12 OMC B CM2   1 
HETATM 250 C "C3'" . OMC B 2 3 ? -6.085  -5.988  3.265   1.00 0.00 ? 12 OMC B "C3'" 1 
HETATM 251 C "C4'" . OMC B 2 3 ? -7.417  -6.605  2.911   1.00 0.00 ? 12 OMC B "C4'" 1 
HETATM 252 O "O4'" . OMC B 2 3 ? -7.367  -6.891  1.501   1.00 0.00 ? 12 OMC B "O4'" 1 
HETATM 253 O "O3'" . OMC B 2 3 ? -5.682  -6.274  4.613   1.00 0.00 ? 12 OMC B "O3'" 1 
HETATM 254 C "C5'" . OMC B 2 3 ? -8.571  -5.665  3.264   1.00 0.00 ? 12 OMC B "C5'" 1 
HETATM 255 O "O5'" . OMC B 2 3 ? -8.436  -4.399  2.607   1.00 0.00 ? 12 OMC B "O5'" 1 
HETATM 256 P P     . OMC B 2 3 ? -9.707  -3.430  2.401   1.00 0.00 ? 12 OMC B P     1 
HETATM 257 O OP1   . OMC B 2 3 ? -10.293 -3.134  3.729   1.00 0.00 ? 12 OMC B OP1   1 
HETATM 258 O OP2   . OMC B 2 3 ? -9.300  -2.323  1.506   1.00 0.00 ? 12 OMC B OP2   1 
ATOM   259 P P     . DA  B 2 4 ? -4.575  -5.356  5.351   1.00 0.00 ? 13 DA  B P     1 
ATOM   260 O OP1   . DA  B 2 4 ? -4.646  -5.627  6.805   1.00 0.00 ? 13 DA  B OP1   1 
ATOM   261 O OP2   . DA  B 2 4 ? -4.726  -3.970  4.852   1.00 0.00 ? 13 DA  B OP2   1 
ATOM   262 O "O5'" . DA  B 2 4 ? -3.165  -5.932  4.799   1.00 0.00 ? 13 DA  B "O5'" 1 
ATOM   263 C "C5'" . DA  B 2 4 ? -2.503  -7.012  5.474   1.00 0.00 ? 13 DA  B "C5'" 1 
ATOM   264 C "C4'" . DA  B 2 4 ? -1.098  -7.292  4.915   1.00 0.00 ? 13 DA  B "C4'" 1 
ATOM   265 O "O4'" . DA  B 2 4 ? -1.118  -7.454  3.481   1.00 0.00 ? 13 DA  B "O4'" 1 
ATOM   266 C "C3'" . DA  B 2 4 ? -0.118  -6.174  5.214   1.00 0.00 ? 13 DA  B "C3'" 1 
ATOM   267 O "O3'" . DA  B 2 4 ? 0.562   -6.389  6.460   1.00 0.00 ? 13 DA  B "O3'" 1 
ATOM   268 C "C2'" . DA  B 2 4 ? 0.852   -6.263  4.048   1.00 0.00 ? 13 DA  B "C2'" 1 
ATOM   269 C "C1'" . DA  B 2 4 ? 0.043   -6.809  2.907   1.00 0.00 ? 13 DA  B "C1'" 1 
ATOM   270 N N9    . DA  B 2 4 ? -0.359  -5.744  1.967   1.00 0.00 ? 13 DA  B N9    1 
ATOM   271 C C8    . DA  B 2 4 ? -1.537  -5.086  1.896   1.00 0.00 ? 13 DA  B C8    1 
ATOM   272 N N7    . DA  B 2 4 ? -1.713  -4.275  0.915   1.00 0.00 ? 13 DA  B N7    1 
ATOM   273 C C5    . DA  B 2 4 ? -0.500  -4.387  0.237   1.00 0.00 ? 13 DA  B C5    1 
ATOM   274 C C6    . DA  B 2 4 ? -0.018  -3.779  -0.920  1.00 0.00 ? 13 DA  B C6    1 
ATOM   275 N N6    . DA  B 2 4 ? -0.756  -2.943  -1.648  1.00 0.00 ? 13 DA  B N6    1 
ATOM   276 N N1    . DA  B 2 4 ? 1.227   -4.098  -1.317  1.00 0.00 ? 13 DA  B N1    1 
ATOM   277 C C2    . DA  B 2 4 ? 1.958   -4.973  -0.616  1.00 0.00 ? 13 DA  B C2    1 
ATOM   278 N N3    . DA  B 2 4 ? 1.593   -5.616  0.496   1.00 0.00 ? 13 DA  B N3    1 
ATOM   279 C C4    . DA  B 2 4 ? 0.340   -5.274  0.871   1.00 0.00 ? 13 DA  B C4    1 
ATOM   280 P P     . DT  B 2 5 ? 1.622   -5.308  7.014   1.00 0.00 ? 14 DT  B P     1 
ATOM   281 O OP1   . DT  B 2 5 ? 2.361   -5.914  8.147   1.00 0.00 ? 14 DT  B OP1   1 
ATOM   282 O OP2   . DT  B 2 5 ? 0.910   -4.025  7.204   1.00 0.00 ? 14 DT  B OP2   1 
ATOM   283 O "O5'" . DT  B 2 5 ? 2.632   -5.140  5.768   1.00 0.00 ? 14 DT  B "O5'" 1 
ATOM   284 C "C5'" . DT  B 2 5 ? 3.664   -6.100  5.502   1.00 0.00 ? 14 DT  B "C5'" 1 
ATOM   285 C "C4'" . DT  B 2 5 ? 4.683   -5.539  4.522   1.00 0.00 ? 14 DT  B "C4'" 1 
ATOM   286 O "O4'" . DT  B 2 5 ? 4.125   -5.348  3.207   1.00 0.00 ? 14 DT  B "O4'" 1 
ATOM   287 C "C3'" . DT  B 2 5 ? 5.157   -4.191  4.997   1.00 0.00 ? 14 DT  B "C3'" 1 
ATOM   288 O "O3'" . DT  B 2 5 ? 6.356   -4.311  5.765   1.00 0.00 ? 14 DT  B "O3'" 1 
ATOM   289 C "C2'" . DT  B 2 5 ? 5.387   -3.402  3.718   1.00 0.00 ? 14 DT  B "C2'" 1 
ATOM   290 C "C1'" . DT  B 2 5 ? 4.718   -4.171  2.615   1.00 0.00 ? 14 DT  B "C1'" 1 
ATOM   291 N N1    . DT  B 2 5 ? 3.709   -3.320  1.981   1.00 0.00 ? 14 DT  B N1    1 
ATOM   292 C C2    . DT  B 2 5 ? 3.978   -2.815  0.724   1.00 0.00 ? 14 DT  B C2    1 
ATOM   293 O O2    . DT  B 2 5 ? 5.024   -3.057  0.128   1.00 0.00 ? 14 DT  B O2    1 
ATOM   294 N N3    . DT  B 2 5 ? 3.009   -1.994  0.189   1.00 0.00 ? 14 DT  B N3    1 
ATOM   295 C C4    . DT  B 2 5 ? 1.815   -1.643  0.788   1.00 0.00 ? 14 DT  B C4    1 
ATOM   296 O O4    . DT  B 2 5 ? 1.024   -0.904  0.209   1.00 0.00 ? 14 DT  B O4    1 
ATOM   297 C C5    . DT  B 2 5 ? 1.625   -2.220  2.100   1.00 0.00 ? 14 DT  B C5    1 
ATOM   298 C C7    . DT  B 2 5 ? 0.345   -1.917  2.871   1.00 0.00 ? 14 DT  B C7    1 
ATOM   299 C C6    . DT  B 2 5 ? 2.566   -3.022  2.644   1.00 0.00 ? 14 DT  B C6    1 
ATOM   300 P P     . DC  B 2 6 ? 6.604   -3.372  7.048   1.00 0.00 ? 15 DC  B P     1 
ATOM   301 O OP1   . DC  B 2 6 ? 7.747   -3.929  7.805   1.00 0.00 ? 15 DC  B OP1   1 
ATOM   302 O OP2   . DC  B 2 6 ? 5.307   -3.156  7.727   1.00 0.00 ? 15 DC  B OP2   1 
ATOM   303 O "O5'" . DC  B 2 6 ? 7.063   -1.975  6.384   1.00 0.00 ? 15 DC  B "O5'" 1 
ATOM   304 C "C5'" . DC  B 2 6 ? 8.366   -1.838  5.804   1.00 0.00 ? 15 DC  B "C5'" 1 
ATOM   305 C "C4'" . DC  B 2 6 ? 8.416   -0.706  4.781   1.00 0.00 ? 15 DC  B "C4'" 1 
ATOM   306 O "O4'" . DC  B 2 6 ? 7.403   -0.848  3.769   1.00 0.00 ? 15 DC  B "O4'" 1 
ATOM   307 C "C3'" . DC  B 2 6 ? 8.194   0.636   5.426   1.00 0.00 ? 15 DC  B "C3'" 1 
ATOM   308 O "O3'" . DC  B 2 6 ? 9.415   1.167   5.948   1.00 0.00 ? 15 DC  B "O3'" 1 
ATOM   309 C "C2'" . DC  B 2 6 ? 7.686   1.456   4.264   1.00 0.00 ? 15 DC  B "C2'" 1 
ATOM   310 C "C1'" . DC  B 2 6 ? 7.032   0.470   3.319   1.00 0.00 ? 15 DC  B "C1'" 1 
ATOM   311 N N1    . DC  B 2 6 ? 5.562   0.645   3.292   1.00 0.00 ? 15 DC  B N1    1 
ATOM   312 C C2    . DC  B 2 6 ? 5.020   1.341   2.222   1.00 0.00 ? 15 DC  B C2    1 
ATOM   313 O O2    . DC  B 2 6 ? 5.751   1.847   1.378   1.00 0.00 ? 15 DC  B O2    1 
ATOM   314 N N3    . DC  B 2 6 ? 3.668   1.458   2.146   1.00 0.00 ? 15 DC  B N3    1 
ATOM   315 C C4    . DC  B 2 6 ? 2.880   0.915   3.077   1.00 0.00 ? 15 DC  B C4    1 
ATOM   316 N N4    . DC  B 2 6 ? 1.558   1.017   2.952   1.00 0.00 ? 15 DC  B N4    1 
ATOM   317 C C5    . DC  B 2 6 ? 3.440   0.206   4.186   1.00 0.00 ? 15 DC  B C5    1 
ATOM   318 C C6    . DC  B 2 6 ? 4.765   0.097   4.253   1.00 0.00 ? 15 DC  B C6    1 
ATOM   319 P P     . DT  B 2 7 ? 9.391   2.301   7.090   1.00 0.00 ? 16 DT  B P     1 
ATOM   320 O OP1   . DT  B 2 7 ? 10.663  2.225   7.840   1.00 0.00 ? 16 DT  B OP1   1 
ATOM   321 O OP2   . DT  B 2 7 ? 8.099   2.214   7.809   1.00 0.00 ? 16 DT  B OP2   1 
ATOM   322 O "O5'" . DT  B 2 7 ? 9.393   3.661   6.232   1.00 0.00 ? 16 DT  B "O5'" 1 
ATOM   323 C "C5'" . DT  B 2 7 ? 10.528  4.016   5.432   1.00 0.00 ? 16 DT  B "C5'" 1 
ATOM   324 C "C4'" . DT  B 2 7 ? 10.220  5.209   4.534   1.00 0.00 ? 16 DT  B "C4'" 1 
ATOM   325 O "O4'" . DT  B 2 7 ? 9.160   4.885   3.611   1.00 0.00 ? 16 DT  B "O4'" 1 
ATOM   326 C "C3'" . DT  B 2 7 ? 9.773   6.400   5.365   1.00 0.00 ? 16 DT  B "C3'" 1 
ATOM   327 O "O3'" . DT  B 2 7 ? 10.794  7.405   5.471   1.00 0.00 ? 16 DT  B "O3'" 1 
ATOM   328 C "C2'" . DT  B 2 7 ? 8.548   6.941   4.648   1.00 0.00 ? 16 DT  B "C2'" 1 
ATOM   329 C "C1'" . DT  B 2 7 ? 8.155   5.918   3.624   1.00 0.00 ? 16 DT  B "C1'" 1 
ATOM   330 N N1    . DT  B 2 7 ? 6.830   5.376   3.969   1.00 0.00 ? 16 DT  B N1    1 
ATOM   331 C C2    . DT  B 2 7 ? 5.743   5.817   3.241   1.00 0.00 ? 16 DT  B C2    1 
ATOM   332 O O2    . DT  B 2 7 ? 5.849   6.626   2.323   1.00 0.00 ? 16 DT  B O2    1 
ATOM   333 N N3    . DT  B 2 7 ? 4.518   5.311   3.619   1.00 0.00 ? 16 DT  B N3    1 
ATOM   334 C C4    . DT  B 2 7 ? 4.285   4.412   4.644   1.00 0.00 ? 16 DT  B C4    1 
ATOM   335 O O4    . DT  B 2 7 ? 3.145   4.021   4.885   1.00 0.00 ? 16 DT  B O4    1 
ATOM   336 C C5    . DT  B 2 7 ? 5.480   4.005   5.351   1.00 0.00 ? 16 DT  B C5    1 
ATOM   337 C C7    . DT  B 2 7 ? 5.374   2.994   6.491   1.00 0.00 ? 16 DT  B C7    1 
ATOM   338 C C6    . DT  B 2 7 ? 6.690   4.492   5.002   1.00 0.00 ? 16 DT  B C6    1 
HETATM 339 N N1    . OMC B 2 8 ? 6.088   9.597   4.740   1.00 0.00 ? 17 OMC B N1    1 
HETATM 340 C C2    . OMC B 2 8 ? 4.713   9.430   4.683   1.00 0.00 ? 17 OMC B C2    1 
HETATM 341 N N3    . OMC B 2 8 ? 4.061   9.007   5.795   1.00 0.00 ? 17 OMC B N3    1 
HETATM 342 C C4    . OMC B 2 8 ? 4.718   8.754   6.926   1.00 0.00 ? 17 OMC B C4    1 
HETATM 343 C C5    . OMC B 2 8 ? 6.140   8.930   7.007   1.00 0.00 ? 17 OMC B C5    1 
HETATM 344 C C6    . OMC B 2 8 ? 6.784   9.359   5.897   1.00 0.00 ? 17 OMC B C6    1 
HETATM 345 O O2    . OMC B 2 8 ? 4.105   9.668   3.646   1.00 0.00 ? 17 OMC B O2    1 
HETATM 346 N N4    . OMC B 2 8 ? 4.027   8.321   7.979   1.00 0.00 ? 17 OMC B N4    1 
HETATM 347 C "C1'" . OMC B 2 8 ? 6.765   9.950   3.462   1.00 0.00 ? 17 OMC B "C1'" 1 
HETATM 348 C "C2'" . OMC B 2 8 ? 6.855   11.436  3.279   1.00 0.00 ? 17 OMC B "C2'" 1 
HETATM 349 O "O2'" . OMC B 2 8 ? 6.761   11.778  1.879   1.00 0.00 ? 17 OMC B "O2'" 1 
HETATM 350 C CM2   . OMC B 2 8 ? 5.425   11.818  1.523   1.00 0.00 ? 17 OMC B CM2   1 
HETATM 351 C "C3'" . OMC B 2 8 ? 8.228   11.775  3.807   1.00 0.00 ? 17 OMC B "C3'" 1 
HETATM 352 C "C4'" . OMC B 2 8 ? 9.052   10.545  3.446   1.00 0.00 ? 17 OMC B "C4'" 1 
HETATM 353 O "O4'" . OMC B 2 8 ? 8.119   9.434   3.399   1.00 0.00 ? 17 OMC B "O4'" 1 
HETATM 354 O "O3'" . OMC B 2 8 ? 8.744   12.970  3.208   1.00 0.00 ? 17 OMC B "O3'" 1 
HETATM 355 C "C5'" . OMC B 2 8 ? 10.172  10.276  4.452   1.00 0.00 ? 17 OMC B "C5'" 1 
HETATM 356 O "O5'" . OMC B 2 8 ? 9.685   9.673   5.655   1.00 0.00 ? 17 OMC B "O5'" 1 
HETATM 357 P P     . OMC B 2 8 ? 10.618  8.654   6.488   1.00 0.00 ? 17 OMC B P     1 
HETATM 358 O OP1   . OMC B 2 8 ? 11.940  9.290   6.672   1.00 0.00 ? 17 OMC B OP1   1 
HETATM 359 O OP2   . OMC B 2 8 ? 9.851   8.195   7.671   1.00 0.00 ? 17 OMC B OP2   1 
HETATM 360 N N1    . OMC B 2 9 ? 3.603   13.388  5.162   1.00 0.00 ? 18 OMC B N1    1 
HETATM 361 C C2    . OMC B 2 9 ? 2.579   12.804  5.881   1.00 0.00 ? 18 OMC B C2    1 
HETATM 362 N N3    . OMC B 2 9 ? 2.849   12.331  7.115   1.00 0.00 ? 18 OMC B N3    1 
HETATM 363 C C4    . OMC B 2 9 ? 4.071   12.416  7.632   1.00 0.00 ? 18 OMC B C4    1 
HETATM 364 C C5    . OMC B 2 9 ? 5.148   13.010  6.898   1.00 0.00 ? 18 OMC B C5    1 
HETATM 365 C C6    . OMC B 2 9 ? 4.870   13.481  5.667   1.00 0.00 ? 18 OMC B C6    1 
HETATM 366 O O2    . OMC B 2 9 ? 1.458   12.710  5.398   1.00 0.00 ? 18 OMC B O2    1 
HETATM 367 N N4    . OMC B 2 9 ? 4.277   11.909  8.837   1.00 0.00 ? 18 OMC B N4    1 
HETATM 368 C "C1'" . OMC B 2 9 ? 3.247   13.956  3.845   1.00 0.00 ? 18 OMC B "C1'" 1 
HETATM 369 C "C2'" . OMC B 2 9 ? 3.018   15.441  3.946   1.00 0.00 ? 18 OMC B "C2'" 1 
HETATM 370 O "O2'" . OMC B 2 9 ? 1.870   15.829  3.178   1.00 0.00 ? 18 OMC B "O2'" 1 
HETATM 371 C CM2   . OMC B 2 9 ? 0.789   15.984  4.026   1.00 0.00 ? 18 OMC B CM2   1 
HETATM 372 C "C3'" . OMC B 2 9 ? 4.270   16.068  3.374   1.00 0.00 ? 18 OMC B "C3'" 1 
HETATM 373 C "C4'" . OMC B 2 9 ? 4.829   15.009  2.445   1.00 0.00 ? 18 OMC B "C4'" 1 
HETATM 374 O "O4'" . OMC B 2 9 ? 4.292   13.735  2.874   1.00 0.00 ? 18 OMC B "O4'" 1 
HETATM 375 O "O3'" . OMC B 2 9 ? 3.980   17.279  2.655   1.00 0.00 ? 18 OMC B "O3'" 1 
HETATM 376 C "C5'" . OMC B 2 9 ? 6.356   15.018  2.450   1.00 0.00 ? 18 OMC B "C5'" 1 
HETATM 377 O "O5'" . OMC B 2 9 ? 6.896   14.625  3.712   1.00 0.00 ? 18 OMC B "O5'" 1 
HETATM 378 P P     . OMC B 2 9 ? 8.484   14.405  3.902   1.00 0.00 ? 18 OMC B P     1 
HETATM 379 O OP1   . OMC B 2 9 ? 9.204   15.433  3.115   1.00 0.00 ? 18 OMC B OP1   1 
HETATM 380 O OP2   . OMC B 2 9 ? 8.740   14.275  5.352   1.00 0.00 ? 18 OMC B OP2   1 
# 
